data_3JU1
#
_entry.id   3JU1
#
_cell.length_a   83.982
_cell.length_b   83.982
_cell.length_c   277.832
_cell.angle_alpha   90.00
_cell.angle_beta   90.00
_cell.angle_gamma   120.00
#
_symmetry.space_group_name_H-M   'P 32 2 1'
#
loop_
_entity.id
_entity.type
_entity.pdbx_description
1 polymer 'Enoyl-CoA hydratase/isomerase family protein'
2 non-polymer 'ACETIC ACID'
3 non-polymer 'FORMIC ACID'
4 non-polymer GLYCEROL
5 water water
#
_entity_poly.entity_id   1
_entity_poly.type   'polypeptide(L)'
_entity_poly.pdbx_seq_one_letter_code
;(MSE)GSSHHHHHHSSGRENLYFQGH(MSE)TNLVDKAAHSFATQNVVFQTLATASGKLVGVVTLNVEKALNALDLD
(MSE)VRA(MSE)TVQLNLWKKDPLIACVVLDGSGEKAFCAGGDVRALYHASVAAKGQVTEVAKVFFEEEYRLDYLLHTY
GKPVLVWGDGIV(MSE)GGGLGL(MSE)AGASHKVVTETSRIA(MSE)PEVTIGLYPDVGGSYFLNR(MSE)PGK(MSE)
GLFLGLTAYH(MSE)NAADACYVGLADHYLNRDDKEL(MSE)FDA(MSE)ATLDWSDSPALNHQRLDT(MSE)INELSNQ
VDIPKGDSVLAESQE(MSE)IDRL(MSE)AGSLTDIVTR(MSE)STLSTDEAWLSKACAT(MSE)LAGSPISWHLAYIQT
QLGTKLSLAQCFKWELTVSVNVCAKGDFCEGVRALLIDKDKQPKWQFADVQSVPNSVIEDILTSPWGEEHPLSQLSGS
;
_entity_poly.pdbx_strand_id   A,B
#
loop_
_chem_comp.id
_chem_comp.type
_chem_comp.name
_chem_comp.formula
ACY non-polymer 'ACETIC ACID' 'C2 H4 O2'
FMT non-polymer 'FORMIC ACID' 'C H2 O2'
GOL non-polymer GLYCEROL 'C3 H8 O3'
#
# COMPACT_ATOMS: atom_id res chain seq x y z
N ALA A 35 16.41 4.46 -43.59
CA ALA A 35 16.08 3.58 -42.46
C ALA A 35 15.61 4.46 -41.31
N THR A 36 15.39 3.85 -40.14
CA THR A 36 15.10 4.67 -38.95
C THR A 36 16.35 4.87 -38.08
N GLN A 37 16.35 5.97 -37.35
CA GLN A 37 17.44 6.26 -36.45
C GLN A 37 17.12 5.80 -35.02
N ASN A 38 15.85 5.49 -34.76
CA ASN A 38 15.35 5.07 -33.44
C ASN A 38 15.81 3.66 -32.99
N VAL A 39 16.42 2.91 -33.90
CA VAL A 39 17.06 1.63 -33.56
C VAL A 39 18.26 1.37 -34.44
N VAL A 40 19.33 0.92 -33.82
CA VAL A 40 20.61 0.86 -34.49
C VAL A 40 21.22 -0.55 -34.38
N PHE A 41 21.91 -1.01 -35.44
CA PHE A 41 22.47 -2.40 -35.56
C PHE A 41 23.95 -2.40 -35.83
N GLN A 42 24.67 -3.25 -35.12
CA GLN A 42 26.08 -3.41 -35.47
C GLN A 42 26.53 -4.81 -35.06
N THR A 43 27.66 -5.28 -35.55
CA THR A 43 28.07 -6.57 -35.06
C THR A 43 29.36 -6.47 -34.28
N LEU A 44 29.41 -7.18 -33.17
CA LEU A 44 30.63 -7.30 -32.39
C LEU A 44 31.44 -8.50 -32.95
N ALA A 45 32.69 -8.25 -33.34
CA ALA A 45 33.54 -9.30 -33.86
C ALA A 45 34.05 -10.12 -32.69
N THR A 46 34.35 -11.40 -32.94
CA THR A 46 34.81 -12.26 -31.83
C THR A 46 36.06 -13.00 -32.25
N ALA A 47 36.84 -13.42 -31.24
CA ALA A 47 38.06 -14.14 -31.48
C ALA A 47 37.77 -15.45 -32.26
N SER A 48 36.59 -16.06 -32.05
CA SER A 48 36.24 -17.34 -32.75
C SER A 48 35.95 -17.19 -34.25
N GLY A 49 35.67 -15.98 -34.71
CA GLY A 49 35.29 -15.73 -36.09
C GLY A 49 33.78 -15.50 -36.22
N LYS A 50 33.02 -15.93 -35.21
CA LYS A 50 31.61 -15.63 -35.20
C LYS A 50 31.36 -14.17 -34.91
N LEU A 51 30.13 -13.75 -35.16
CA LEU A 51 29.70 -12.38 -34.84
C LEU A 51 28.56 -12.42 -33.80
N VAL A 52 28.52 -11.38 -32.97
CA VAL A 52 27.38 -11.09 -32.08
C VAL A 52 26.63 -9.87 -32.67
N GLY A 53 25.36 -10.07 -33.02
CA GLY A 53 24.57 -8.98 -33.55
C GLY A 53 24.06 -8.17 -32.39
N VAL A 54 24.20 -6.86 -32.46
CA VAL A 54 23.79 -6.00 -31.36
C VAL A 54 22.73 -5.03 -31.87
N VAL A 55 21.59 -5.03 -31.18
CA VAL A 55 20.52 -4.11 -31.48
C VAL A 55 20.48 -3.03 -30.37
N THR A 56 20.52 -1.75 -30.75
CA THR A 56 20.42 -0.67 -29.78
C THR A 56 19.19 0.23 -30.08
N LEU A 57 18.19 0.20 -29.18
CA LEU A 57 17.04 1.09 -29.26
C LEU A 57 17.58 2.46 -28.87
N ASN A 58 17.15 3.47 -29.64
CA ASN A 58 17.85 4.76 -29.65
C ASN A 58 16.88 5.95 -29.73
N VAL A 59 16.07 6.13 -28.68
CA VAL A 59 15.24 7.33 -28.50
C VAL A 59 15.44 7.66 -27.01
N GLU A 60 16.67 7.99 -26.60
CA GLU A 60 16.94 8.20 -25.18
C GLU A 60 15.94 9.22 -24.59
N LYS A 61 15.52 10.17 -25.44
CA LYS A 61 14.49 11.17 -25.14
C LYS A 61 13.20 10.55 -24.63
N ALA A 62 12.70 9.57 -25.35
CA ALA A 62 11.48 8.94 -24.93
C ALA A 62 11.74 7.63 -24.15
N LEU A 63 12.94 7.48 -23.53
CA LEU A 63 13.28 6.23 -22.81
C LEU A 63 13.16 5.00 -23.71
N ASN A 64 13.60 5.16 -24.97
CA ASN A 64 13.70 4.05 -25.95
C ASN A 64 12.36 3.42 -26.27
N ALA A 65 11.35 4.27 -26.27
CA ALA A 65 9.98 3.82 -26.44
C ALA A 65 9.87 3.16 -27.80
N LEU A 66 9.27 1.97 -27.81
CA LEU A 66 9.15 1.17 -29.00
C LEU A 66 7.99 1.64 -29.91
N ASP A 67 8.31 2.05 -31.14
CA ASP A 67 7.29 2.41 -32.14
C ASP A 67 7.41 1.45 -33.31
N LEU A 68 6.50 1.58 -34.27
CA LEU A 68 6.38 0.59 -35.34
C LEU A 68 7.58 0.52 -36.31
N ASP A 69 8.27 1.64 -36.57
CA ASP A 69 9.46 1.67 -37.47
C ASP A 69 10.58 0.84 -36.89
N MSE A 70 10.80 1.03 -35.60
CA MSE A 70 11.68 0.17 -34.84
C MSE A 70 11.27 -1.28 -34.95
O MSE A 70 12.13 -2.13 -35.18
CB MSE A 70 11.68 0.58 -33.37
CG MSE A 70 12.22 1.96 -33.17
SE MSE A 70 11.76 2.78 -31.50
CE MSE A 70 12.90 1.75 -30.23
N VAL A 71 9.96 -1.57 -34.76
CA VAL A 71 9.46 -2.94 -34.85
C VAL A 71 9.78 -3.55 -36.21
N ARG A 72 9.59 -2.78 -37.27
CA ARG A 72 9.95 -3.19 -38.62
C ARG A 72 11.44 -3.32 -38.88
N ALA A 73 12.24 -2.30 -38.52
CA ALA A 73 13.67 -2.47 -38.73
C ALA A 73 14.20 -3.72 -37.97
N MSE A 74 13.82 -3.88 -36.69
CA MSE A 74 14.27 -5.04 -35.89
C MSE A 74 13.87 -6.42 -36.45
O MSE A 74 14.64 -7.40 -36.45
CB MSE A 74 13.83 -4.94 -34.41
CG MSE A 74 14.30 -3.66 -33.74
SE MSE A 74 13.47 -3.39 -32.00
CE MSE A 74 13.98 -5.03 -31.11
N THR A 75 12.65 -6.51 -36.93
CA THR A 75 12.20 -7.76 -37.44
C THR A 75 13.00 -8.01 -38.72
N VAL A 76 13.20 -6.96 -39.50
CA VAL A 76 13.97 -7.14 -40.73
C VAL A 76 15.39 -7.65 -40.42
N GLN A 77 16.14 -6.95 -39.55
CA GLN A 77 17.53 -7.34 -39.19
C GLN A 77 17.67 -8.67 -38.38
N LEU A 78 16.86 -8.87 -37.34
CA LEU A 78 16.81 -10.17 -36.64
C LEU A 78 16.59 -11.37 -37.59
N ASN A 79 15.61 -11.26 -38.48
CA ASN A 79 15.37 -12.31 -39.48
C ASN A 79 16.59 -12.57 -40.36
N LEU A 80 17.27 -11.51 -40.82
CA LEU A 80 18.53 -11.73 -41.55
C LEU A 80 19.56 -12.47 -40.67
N TRP A 81 19.65 -12.08 -39.39
CA TRP A 81 20.71 -12.58 -38.51
C TRP A 81 20.45 -14.01 -38.08
N LYS A 82 19.17 -14.34 -37.90
CA LYS A 82 18.76 -15.69 -37.54
C LYS A 82 19.27 -16.75 -38.49
N LYS A 83 19.27 -16.44 -39.79
CA LYS A 83 19.70 -17.44 -40.76
C LYS A 83 21.18 -17.30 -41.12
N ASP A 84 21.83 -16.27 -40.61
CA ASP A 84 23.23 -16.10 -40.94
C ASP A 84 24.11 -16.94 -40.00
N PRO A 85 24.78 -17.92 -40.59
CA PRO A 85 25.62 -18.85 -39.81
C PRO A 85 26.80 -18.16 -39.12
N LEU A 86 27.30 -17.06 -39.63
CA LEU A 86 28.29 -16.33 -38.89
C LEU A 86 27.69 -15.80 -37.57
N ILE A 87 26.39 -15.56 -37.53
CA ILE A 87 25.86 -14.87 -36.37
C ILE A 87 25.61 -15.92 -35.28
N ALA A 88 26.25 -15.78 -34.11
CA ALA A 88 26.15 -16.82 -33.06
C ALA A 88 25.13 -16.46 -31.97
N CYS A 89 24.91 -15.16 -31.79
CA CYS A 89 24.14 -14.62 -30.65
C CYS A 89 23.66 -13.23 -31.02
N VAL A 90 22.53 -12.85 -30.41
CA VAL A 90 22.00 -11.52 -30.55
C VAL A 90 21.82 -10.83 -29.16
N VAL A 91 22.16 -9.54 -29.11
CA VAL A 91 22.04 -8.76 -27.88
C VAL A 91 21.06 -7.63 -28.12
N LEU A 92 20.17 -7.39 -27.18
CA LEU A 92 19.28 -6.22 -27.23
C LEU A 92 19.66 -5.28 -26.10
N ASP A 93 19.75 -3.99 -26.41
N ASP A 93 19.82 -3.99 -26.40
CA ASP A 93 20.20 -2.97 -25.46
CA ASP A 93 20.02 -3.00 -25.34
C ASP A 93 19.42 -1.68 -25.73
C ASP A 93 19.53 -1.64 -25.77
N GLY A 94 19.55 -0.69 -24.86
CA GLY A 94 18.93 0.60 -25.08
C GLY A 94 19.95 1.70 -24.76
N SER A 95 19.93 2.74 -25.58
CA SER A 95 20.82 3.88 -25.43
C SER A 95 20.62 4.56 -24.07
N GLY A 96 21.68 5.26 -23.59
CA GLY A 96 21.62 6.04 -22.36
C GLY A 96 21.64 5.17 -21.15
N GLU A 97 21.41 5.77 -20.00
CA GLU A 97 21.62 5.06 -18.73
C GLU A 97 20.32 4.65 -18.04
N LYS A 98 19.28 5.43 -18.28
CA LYS A 98 18.02 5.30 -17.58
C LYS A 98 17.13 4.11 -17.94
N ALA A 99 17.06 3.73 -19.22
CA ALA A 99 16.09 2.72 -19.65
C ALA A 99 16.61 1.74 -20.69
N PHE A 100 16.23 0.49 -20.55
CA PHE A 100 16.37 -0.40 -21.69
C PHE A 100 15.25 0.06 -22.63
N CYS A 101 14.01 -0.07 -22.18
CA CYS A 101 12.86 0.32 -22.96
C CYS A 101 11.69 0.50 -21.99
N ALA A 102 11.06 1.69 -21.97
CA ALA A 102 10.04 2.00 -20.97
C ALA A 102 8.62 1.69 -21.39
N GLY A 103 8.42 1.31 -22.64
CA GLY A 103 7.12 0.90 -23.13
C GLY A 103 6.96 1.19 -24.61
N GLY A 104 5.77 0.89 -25.14
CA GLY A 104 5.41 1.24 -26.50
C GLY A 104 5.22 2.76 -26.56
N ASP A 105 5.34 3.32 -27.77
CA ASP A 105 4.98 4.70 -28.06
C ASP A 105 3.57 4.67 -28.55
N VAL A 106 2.62 5.05 -27.71
CA VAL A 106 1.22 4.83 -28.06
C VAL A 106 0.55 6.07 -28.62
N ARG A 107 1.35 7.12 -28.88
CA ARG A 107 0.85 8.42 -29.38
C ARG A 107 0.03 8.22 -30.63
N ALA A 108 0.65 7.70 -31.68
CA ALA A 108 0.00 7.58 -32.99
C ALA A 108 -1.15 6.57 -32.97
N LEU A 109 -1.09 5.66 -32.01
CA LEU A 109 -2.19 4.74 -31.72
C LEU A 109 -3.31 5.44 -30.99
N TYR A 110 -2.93 6.26 -30.02
CA TYR A 110 -3.92 7.08 -29.34
C TYR A 110 -4.67 7.89 -30.39
N HIS A 111 -3.95 8.61 -31.25
CA HIS A 111 -4.60 9.53 -32.19
C HIS A 111 -5.49 8.86 -33.22
N ALA A 112 -5.01 7.79 -33.84
CA ALA A 112 -5.84 7.04 -34.78
C ALA A 112 -7.10 6.58 -34.08
N SER A 113 -6.95 6.02 -32.87
CA SER A 113 -8.06 5.36 -32.14
C SER A 113 -9.21 6.28 -31.86
N VAL A 114 -8.85 7.49 -31.48
CA VAL A 114 -9.83 8.49 -31.14
C VAL A 114 -10.61 8.87 -32.37
N ALA A 115 -9.90 9.23 -33.43
CA ALA A 115 -10.56 9.60 -34.67
C ALA A 115 -11.75 8.68 -34.97
N ALA A 116 -11.47 7.39 -35.12
CA ALA A 116 -12.47 6.42 -35.56
C ALA A 116 -13.55 6.09 -34.55
N LYS A 117 -13.33 6.46 -33.29
CA LYS A 117 -14.38 6.50 -32.26
C LYS A 117 -15.31 5.26 -32.04
N GLY A 118 -14.73 4.13 -31.60
CA GLY A 118 -15.47 2.91 -31.34
C GLY A 118 -15.34 1.88 -32.46
N GLN A 119 -14.53 2.22 -33.44
CA GLN A 119 -14.33 1.35 -34.59
C GLN A 119 -12.86 0.87 -34.64
N VAL A 120 -12.67 -0.44 -34.66
CA VAL A 120 -11.34 -1.03 -34.71
C VAL A 120 -10.56 -0.41 -35.87
N THR A 121 -9.26 -0.26 -35.71
CA THR A 121 -8.48 0.45 -36.71
C THR A 121 -7.33 -0.41 -37.20
N GLU A 122 -7.05 -0.25 -38.49
CA GLU A 122 -5.89 -0.85 -39.13
C GLU A 122 -4.65 -0.38 -38.37
N VAL A 123 -4.66 0.88 -37.90
CA VAL A 123 -3.50 1.40 -37.16
C VAL A 123 -3.20 0.47 -35.97
N ALA A 124 -4.23 0.15 -35.20
CA ALA A 124 -4.06 -0.76 -34.08
C ALA A 124 -3.65 -2.13 -34.58
N LYS A 125 -4.42 -2.66 -35.52
CA LYS A 125 -4.14 -3.99 -35.97
C LYS A 125 -2.67 -4.13 -36.36
N VAL A 126 -2.18 -3.18 -37.17
N VAL A 126 -2.17 -3.21 -37.19
CA VAL A 126 -0.81 -3.23 -37.68
CA VAL A 126 -0.80 -3.33 -37.66
C VAL A 126 0.17 -3.14 -36.54
C VAL A 126 0.22 -3.11 -36.56
N PHE A 127 -0.10 -2.23 -35.60
CA PHE A 127 0.79 -1.98 -34.45
C PHE A 127 0.98 -3.28 -33.65
N PHE A 128 -0.14 -3.90 -33.27
CA PHE A 128 -0.08 -5.03 -32.39
C PHE A 128 0.40 -6.27 -33.10
N GLU A 129 -0.16 -6.50 -34.28
CA GLU A 129 0.23 -7.69 -35.03
C GLU A 129 1.74 -7.71 -35.23
N GLU A 130 2.30 -6.57 -35.53
CA GLU A 130 3.67 -6.58 -35.92
C GLU A 130 4.54 -6.63 -34.68
N GLU A 131 4.12 -5.93 -33.62
CA GLU A 131 4.93 -6.00 -32.39
C GLU A 131 4.91 -7.45 -31.89
N TYR A 132 3.77 -8.13 -32.04
CA TYR A 132 3.63 -9.47 -31.44
C TYR A 132 4.44 -10.46 -32.25
N ARG A 133 4.60 -10.21 -33.54
N ARG A 133 4.59 -10.24 -33.55
CA ARG A 133 5.42 -11.06 -34.38
CA ARG A 133 5.44 -11.12 -34.36
C ARG A 133 6.89 -10.91 -33.99
C ARG A 133 6.90 -10.91 -33.98
N LEU A 134 7.27 -9.67 -33.68
CA LEU A 134 8.59 -9.39 -33.16
C LEU A 134 8.82 -10.15 -31.84
N ASP A 135 7.89 -10.07 -30.88
CA ASP A 135 8.17 -10.71 -29.57
C ASP A 135 8.29 -12.20 -29.75
N TYR A 136 7.46 -12.71 -30.63
CA TYR A 136 7.37 -14.11 -30.91
C TYR A 136 8.70 -14.57 -31.50
N LEU A 137 9.15 -13.91 -32.57
CA LEU A 137 10.46 -14.15 -33.19
C LEU A 137 11.62 -14.22 -32.15
N LEU A 138 11.59 -13.33 -31.14
CA LEU A 138 12.58 -13.33 -30.03
C LEU A 138 12.52 -14.61 -29.15
N HIS A 139 11.29 -14.98 -28.78
N HIS A 139 11.33 -15.05 -28.74
CA HIS A 139 10.94 -16.18 -28.03
CA HIS A 139 11.26 -16.28 -27.93
C HIS A 139 11.47 -17.49 -28.64
C HIS A 139 11.71 -17.54 -28.67
N THR A 140 11.45 -17.56 -29.98
CA THR A 140 11.73 -18.79 -30.74
C THR A 140 12.91 -18.58 -31.69
N TYR A 141 13.82 -17.70 -31.29
CA TYR A 141 14.99 -17.31 -32.09
C TYR A 141 15.99 -18.44 -32.37
N GLY A 142 16.01 -19.47 -31.51
CA GLY A 142 16.95 -20.59 -31.68
C GLY A 142 18.31 -20.21 -31.09
N LYS A 143 19.00 -19.33 -31.80
CA LYS A 143 20.22 -18.77 -31.24
C LYS A 143 19.91 -17.97 -29.94
N PRO A 144 20.91 -17.86 -29.03
CA PRO A 144 20.74 -17.07 -27.80
C PRO A 144 20.44 -15.60 -28.12
N VAL A 145 19.53 -15.03 -27.33
CA VAL A 145 19.27 -13.61 -27.38
C VAL A 145 19.51 -13.13 -25.97
N LEU A 146 20.50 -12.26 -25.85
CA LEU A 146 20.82 -11.65 -24.60
C LEU A 146 20.24 -10.22 -24.56
N VAL A 147 19.48 -9.96 -23.49
CA VAL A 147 18.88 -8.64 -23.25
C VAL A 147 19.59 -7.97 -22.07
N TRP A 148 20.11 -6.79 -22.36
CA TRP A 148 20.79 -6.06 -21.32
C TRP A 148 19.70 -5.24 -20.67
N GLY A 149 19.03 -5.87 -19.70
CA GLY A 149 17.85 -5.29 -19.04
C GLY A 149 18.16 -4.35 -17.86
N ASP A 150 19.26 -3.63 -18.00
CA ASP A 150 19.64 -2.59 -17.06
C ASP A 150 18.56 -1.45 -17.06
N GLY A 151 18.29 -0.89 -15.89
CA GLY A 151 17.35 0.22 -15.78
C GLY A 151 15.86 -0.10 -15.95
N ILE A 152 15.15 0.83 -16.60
CA ILE A 152 13.71 0.68 -16.82
C ILE A 152 13.33 -0.25 -17.99
N VAL A 153 12.50 -1.24 -17.65
CA VAL A 153 12.01 -2.21 -18.60
C VAL A 153 10.55 -2.42 -18.29
N MSE A 154 9.70 -1.83 -19.12
CA MSE A 154 8.28 -1.89 -18.85
C MSE A 154 7.48 -1.98 -20.11
O MSE A 154 7.90 -1.49 -21.17
CB MSE A 154 7.83 -0.60 -18.12
CG MSE A 154 8.50 -0.42 -16.77
SE MSE A 154 7.92 1.16 -15.82
CE MSE A 154 8.95 0.88 -14.17
N GLY A 155 6.29 -2.53 -19.94
CA GLY A 155 5.33 -2.67 -21.04
C GLY A 155 5.92 -3.37 -22.24
N GLY A 156 5.79 -2.74 -23.41
CA GLY A 156 6.41 -3.25 -24.60
C GLY A 156 7.86 -3.60 -24.34
N GLY A 157 8.57 -2.81 -23.52
CA GLY A 157 9.98 -3.09 -23.22
C GLY A 157 10.10 -4.46 -22.56
N LEU A 158 9.24 -4.70 -21.59
CA LEU A 158 9.18 -5.99 -20.92
C LEU A 158 8.86 -7.05 -21.99
N GLY A 159 8.08 -6.69 -22.99
CA GLY A 159 7.74 -7.68 -23.99
C GLY A 159 8.94 -8.18 -24.78
N LEU A 160 9.88 -7.26 -25.09
CA LEU A 160 11.10 -7.62 -25.80
C LEU A 160 11.97 -8.51 -24.94
N MSE A 161 11.97 -8.21 -23.66
CA MSE A 161 12.81 -8.96 -22.76
C MSE A 161 12.26 -10.35 -22.48
O MSE A 161 13.07 -11.28 -22.43
CB MSE A 161 12.98 -8.22 -21.42
CG MSE A 161 13.78 -9.07 -20.40
SE MSE A 161 14.83 -8.04 -19.10
CE MSE A 161 15.41 -9.51 -17.97
N ALA A 162 10.94 -10.45 -22.21
CA ALA A 162 10.32 -11.64 -21.60
C ALA A 162 10.55 -12.96 -22.37
N GLY A 163 10.67 -12.86 -23.68
CA GLY A 163 10.97 -14.00 -24.51
C GLY A 163 12.43 -14.42 -24.56
N ALA A 164 13.38 -13.48 -24.33
CA ALA A 164 14.83 -13.72 -24.47
C ALA A 164 15.29 -14.96 -23.69
N SER A 165 16.34 -15.62 -24.20
CA SER A 165 17.03 -16.76 -23.56
C SER A 165 17.95 -16.34 -22.41
N HIS A 166 18.58 -15.15 -22.50
CA HIS A 166 19.54 -14.66 -21.50
C HIS A 166 19.15 -13.28 -21.01
N LYS A 167 18.23 -13.30 -20.05
CA LYS A 167 17.63 -12.09 -19.45
C LYS A 167 18.48 -11.53 -18.28
N VAL A 168 19.23 -10.47 -18.60
CA VAL A 168 20.13 -9.83 -17.63
C VAL A 168 19.55 -8.54 -17.00
N VAL A 169 19.53 -8.52 -15.66
CA VAL A 169 19.17 -7.36 -14.83
C VAL A 169 20.33 -6.89 -13.92
N THR A 170 20.21 -5.65 -13.45
CA THR A 170 21.25 -4.96 -12.70
C THR A 170 20.68 -4.28 -11.44
N GLU A 171 21.53 -3.61 -10.66
CA GLU A 171 21.10 -3.00 -9.42
C GLU A 171 20.05 -1.94 -9.69
N THR A 172 20.05 -1.42 -10.91
CA THR A 172 19.17 -0.33 -11.27
C THR A 172 17.89 -0.77 -12.01
N SER A 173 17.74 -2.07 -12.28
CA SER A 173 16.61 -2.56 -13.09
C SER A 173 15.31 -2.31 -12.39
N ARG A 174 14.37 -1.73 -13.11
CA ARG A 174 13.05 -1.62 -12.55
C ARG A 174 12.11 -2.08 -13.65
N ILE A 175 11.29 -3.05 -13.32
CA ILE A 175 10.52 -3.78 -14.31
C ILE A 175 9.06 -3.93 -13.84
N ALA A 176 8.15 -3.82 -14.79
CA ALA A 176 6.72 -3.65 -14.54
C ALA A 176 5.93 -3.74 -15.85
N MSE A 177 4.64 -4.02 -15.67
CA MSE A 177 3.60 -3.90 -16.69
C MSE A 177 2.55 -2.89 -16.16
O MSE A 177 1.62 -3.24 -15.42
CB MSE A 177 2.96 -5.26 -16.93
CG MSE A 177 3.92 -6.33 -17.52
SE MSE A 177 4.24 -6.22 -19.49
CE MSE A 177 3.25 -7.83 -20.02
N PRO A 178 2.71 -1.61 -16.54
CA PRO A 178 1.74 -0.62 -16.04
C PRO A 178 0.55 -0.48 -16.98
N GLU A 179 0.36 -1.37 -17.95
CA GLU A 179 -0.76 -1.25 -18.91
C GLU A 179 -2.08 -0.91 -18.21
N VAL A 180 -2.29 -1.45 -17.01
CA VAL A 180 -3.59 -1.29 -16.32
C VAL A 180 -3.91 0.17 -16.02
N THR A 181 -2.88 0.96 -15.74
CA THR A 181 -3.10 2.40 -15.52
C THR A 181 -3.58 3.21 -16.76
N ILE A 182 -3.36 2.73 -17.99
CA ILE A 182 -3.80 3.47 -19.16
C ILE A 182 -4.94 2.76 -19.89
N GLY A 183 -5.52 1.76 -19.26
CA GLY A 183 -6.67 1.08 -19.85
C GLY A 183 -6.30 0.10 -20.97
N LEU A 184 -5.10 -0.48 -20.90
CA LEU A 184 -4.80 -1.62 -21.74
C LEU A 184 -4.91 -2.89 -20.88
N TYR A 185 -3.96 -3.80 -21.00
CA TYR A 185 -3.89 -4.94 -20.11
C TYR A 185 -2.49 -5.51 -20.38
N PRO A 186 -2.04 -6.48 -19.56
CA PRO A 186 -0.68 -7.06 -19.67
C PRO A 186 -0.55 -7.99 -20.87
N ASP A 187 -0.30 -7.35 -22.02
CA ASP A 187 -0.14 -8.01 -23.34
C ASP A 187 1.32 -8.39 -23.64
N VAL A 188 1.72 -8.24 -24.92
CA VAL A 188 3.05 -8.61 -25.37
C VAL A 188 3.52 -9.96 -24.81
N GLY A 189 2.60 -10.90 -24.76
CA GLY A 189 2.87 -12.27 -24.35
C GLY A 189 2.57 -12.56 -22.89
N GLY A 190 2.17 -11.52 -22.14
CA GLY A 190 1.82 -11.69 -20.75
C GLY A 190 0.77 -12.81 -20.52
N SER A 191 -0.13 -12.99 -21.49
CA SER A 191 -1.13 -14.06 -21.45
C SER A 191 -0.47 -15.43 -21.24
N TYR A 192 0.78 -15.52 -21.63
CA TYR A 192 1.56 -16.77 -21.57
C TYR A 192 2.50 -16.75 -20.33
N PHE A 193 3.25 -15.66 -20.18
CA PHE A 193 4.30 -15.65 -19.13
C PHE A 193 3.78 -15.44 -17.71
N LEU A 194 2.68 -14.69 -17.57
CA LEU A 194 2.12 -14.31 -16.28
C LEU A 194 1.57 -15.54 -15.60
N ASN A 195 0.85 -16.36 -16.38
CA ASN A 195 0.27 -17.60 -15.86
C ASN A 195 1.32 -18.60 -15.45
N ARG A 196 2.50 -18.50 -16.03
CA ARG A 196 3.55 -19.44 -15.67
C ARG A 196 4.34 -19.11 -14.39
N MSE A 197 4.06 -17.95 -13.77
CA MSE A 197 4.77 -17.53 -12.56
C MSE A 197 4.20 -18.15 -11.26
O MSE A 197 3.08 -18.63 -11.25
CB MSE A 197 4.78 -16.00 -12.44
CG MSE A 197 5.52 -15.26 -13.52
SE MSE A 197 5.09 -13.31 -13.32
CE MSE A 197 5.92 -12.50 -14.93
N PRO A 198 4.99 -18.14 -10.16
CA PRO A 198 4.54 -18.73 -8.89
C PRO A 198 3.13 -18.28 -8.49
N GLY A 199 2.27 -19.26 -8.16
CA GLY A 199 0.94 -18.98 -7.61
C GLY A 199 0.23 -17.87 -8.40
N LYS A 200 -0.23 -16.82 -7.70
CA LYS A 200 -1.01 -15.72 -8.31
C LYS A 200 -0.16 -14.47 -8.62
N MSE A 201 1.14 -14.68 -8.75
CA MSE A 201 2.03 -13.56 -8.95
C MSE A 201 1.71 -12.75 -10.23
O MSE A 201 1.68 -11.51 -10.22
CB MSE A 201 3.49 -14.06 -8.92
CG MSE A 201 4.49 -13.01 -8.60
SE MSE A 201 4.12 -11.99 -6.98
CE MSE A 201 4.64 -13.33 -5.69
N GLY A 202 1.42 -13.45 -11.32
CA GLY A 202 1.25 -12.74 -12.57
C GLY A 202 0.02 -11.86 -12.52
N LEU A 203 -1.02 -12.38 -11.89
CA LEU A 203 -2.25 -11.59 -11.70
C LEU A 203 -1.96 -10.28 -10.91
N PHE A 204 -1.23 -10.38 -9.80
CA PHE A 204 -0.95 -9.22 -8.93
C PHE A 204 -0.14 -8.19 -9.71
N LEU A 205 0.81 -8.66 -10.53
CA LEU A 205 1.67 -7.75 -11.28
C LEU A 205 0.82 -7.03 -12.29
N GLY A 206 -0.14 -7.72 -12.87
CA GLY A 206 -0.91 -7.09 -13.93
C GLY A 206 -1.92 -6.12 -13.40
N LEU A 207 -2.51 -6.44 -12.26
CA LEU A 207 -3.47 -5.57 -11.60
C LEU A 207 -2.87 -4.31 -11.03
N THR A 208 -1.70 -4.45 -10.41
CA THR A 208 -1.13 -3.38 -9.56
C THR A 208 0.00 -2.54 -10.18
N ALA A 209 0.52 -2.98 -11.33
CA ALA A 209 1.72 -2.37 -11.93
C ALA A 209 2.90 -2.22 -10.94
N TYR A 210 3.00 -3.18 -10.02
CA TYR A 210 4.14 -3.33 -9.09
C TYR A 210 5.50 -3.21 -9.80
N HIS A 211 6.38 -2.39 -9.25
CA HIS A 211 7.71 -2.17 -9.84
C HIS A 211 8.67 -3.16 -9.22
N MSE A 212 9.02 -4.22 -9.96
CA MSE A 212 9.92 -5.27 -9.52
C MSE A 212 11.34 -4.79 -9.60
O MSE A 212 11.67 -4.07 -10.56
CB MSE A 212 9.83 -6.46 -10.46
CG MSE A 212 8.56 -7.21 -10.29
SE MSE A 212 8.55 -8.57 -11.66
CE MSE A 212 7.75 -7.61 -13.13
N ASN A 213 12.17 -5.17 -8.64
CA ASN A 213 13.60 -5.00 -8.83
C ASN A 213 14.21 -6.31 -9.37
N ALA A 214 15.53 -6.30 -9.54
CA ALA A 214 16.25 -7.45 -10.02
C ALA A 214 15.96 -8.71 -9.19
N ALA A 215 15.83 -8.55 -7.87
CA ALA A 215 15.57 -9.73 -7.03
C ALA A 215 14.20 -10.24 -7.40
N ASP A 216 13.25 -9.32 -7.55
CA ASP A 216 11.88 -9.72 -7.85
C ASP A 216 11.82 -10.40 -9.22
N ALA A 217 12.54 -9.87 -10.19
CA ALA A 217 12.50 -10.36 -11.55
C ALA A 217 13.08 -11.79 -11.69
N CYS A 218 14.18 -12.06 -10.99
CA CYS A 218 14.76 -13.42 -10.94
C CYS A 218 13.77 -14.41 -10.33
N TYR A 219 13.29 -14.07 -9.14
CA TYR A 219 12.33 -14.90 -8.44
C TYR A 219 11.18 -15.35 -9.35
N VAL A 220 10.53 -14.42 -10.06
CA VAL A 220 9.37 -14.77 -10.86
C VAL A 220 9.70 -15.33 -12.27
N GLY A 221 10.99 -15.41 -12.64
CA GLY A 221 11.40 -15.96 -13.94
C GLY A 221 11.44 -15.01 -15.16
N LEU A 222 11.41 -13.71 -14.87
CA LEU A 222 11.60 -12.67 -15.89
C LEU A 222 13.07 -12.33 -16.09
N ALA A 223 13.91 -12.82 -15.19
CA ALA A 223 15.35 -12.62 -15.39
C ALA A 223 16.07 -13.93 -15.13
N ASP A 224 17.13 -14.17 -15.89
CA ASP A 224 17.99 -15.32 -15.71
C ASP A 224 19.30 -15.01 -14.95
N HIS A 225 19.80 -13.79 -15.06
CA HIS A 225 21.14 -13.53 -14.56
C HIS A 225 21.13 -12.14 -13.97
N TYR A 226 21.97 -11.94 -12.95
CA TYR A 226 22.12 -10.64 -12.33
C TYR A 226 23.56 -10.11 -12.37
N LEU A 227 23.73 -8.95 -12.99
CA LEU A 227 25.03 -8.28 -13.01
C LEU A 227 24.88 -6.93 -12.33
N ASN A 228 25.88 -6.08 -12.48
CA ASN A 228 25.78 -4.67 -12.09
C ASN A 228 25.95 -3.88 -13.37
N ARG A 229 25.43 -2.66 -13.37
CA ARG A 229 25.49 -1.77 -14.56
C ARG A 229 26.93 -1.57 -15.04
N ASP A 230 27.84 -1.33 -14.09
N ASP A 230 27.83 -1.32 -14.12
CA ASP A 230 29.27 -1.10 -14.36
CA ASP A 230 29.15 -0.99 -14.51
C ASP A 230 29.96 -2.30 -15.02
C ASP A 230 29.97 -2.30 -14.86
N ASP A 231 29.25 -3.43 -15.09
CA ASP A 231 29.81 -4.67 -15.71
C ASP A 231 29.55 -4.78 -17.21
N LYS A 232 28.83 -3.82 -17.79
CA LYS A 232 28.46 -3.93 -19.21
C LYS A 232 29.72 -4.17 -20.08
N GLU A 233 30.70 -3.31 -19.89
CA GLU A 233 31.95 -3.45 -20.63
C GLU A 233 32.55 -4.88 -20.53
N LEU A 234 32.69 -5.40 -19.31
CA LEU A 234 33.25 -6.75 -19.10
C LEU A 234 32.41 -7.84 -19.76
N MSE A 235 31.10 -7.65 -19.77
CA MSE A 235 30.21 -8.63 -20.42
C MSE A 235 30.44 -8.73 -21.96
O MSE A 235 30.51 -9.83 -22.53
CB MSE A 235 28.74 -8.30 -20.10
CG MSE A 235 27.76 -9.44 -20.38
SE MSE A 235 25.94 -8.79 -20.38
CE MSE A 235 25.91 -7.67 -21.99
N PHE A 236 30.60 -7.57 -22.59
CA PHE A 236 31.03 -7.49 -23.98
C PHE A 236 32.47 -7.99 -24.27
N ASP A 237 33.45 -7.63 -23.42
CA ASP A 237 34.80 -8.24 -23.49
C ASP A 237 34.74 -9.77 -23.57
N ALA A 238 34.06 -10.38 -22.57
CA ALA A 238 33.78 -11.82 -22.43
C ALA A 238 33.04 -12.47 -23.64
N MSE A 239 32.10 -11.78 -24.24
CA MSE A 239 31.49 -12.22 -25.51
C MSE A 239 32.46 -12.28 -26.70
O MSE A 239 32.37 -13.18 -27.57
CB MSE A 239 30.26 -11.37 -25.85
CG MSE A 239 29.10 -11.57 -24.83
SE MSE A 239 27.49 -10.65 -25.36
CE MSE A 239 27.07 -11.69 -26.91
N ALA A 240 33.40 -11.35 -26.71
CA ALA A 240 34.33 -11.26 -27.83
C ALA A 240 35.27 -12.43 -27.76
N THR A 241 35.51 -12.91 -26.54
CA THR A 241 36.44 -14.04 -26.35
C THR A 241 35.73 -15.39 -26.04
N LEU A 242 34.40 -15.39 -26.04
CA LEU A 242 33.66 -16.63 -25.74
C LEU A 242 33.98 -17.68 -26.82
N ASP A 243 34.09 -18.94 -26.41
CA ASP A 243 34.32 -20.03 -27.38
C ASP A 243 32.99 -20.40 -28.14
N TRP A 244 32.52 -19.52 -29.01
CA TRP A 244 31.28 -19.73 -29.80
C TRP A 244 31.40 -20.92 -30.78
N SER A 245 30.33 -21.67 -30.89
CA SER A 245 30.37 -22.89 -31.67
C SER A 245 29.28 -22.76 -32.74
N ASP A 246 29.11 -23.84 -33.52
CA ASP A 246 28.00 -24.01 -34.49
C ASP A 246 26.70 -24.60 -33.86
N SER A 247 26.73 -24.98 -32.58
CA SER A 247 25.50 -25.48 -31.95
C SER A 247 24.87 -24.36 -31.11
N PRO A 248 23.61 -23.98 -31.43
CA PRO A 248 22.83 -23.03 -30.60
C PRO A 248 22.77 -23.43 -29.09
N ALA A 249 22.49 -24.72 -28.80
CA ALA A 249 22.36 -25.21 -27.41
C ALA A 249 23.67 -25.16 -26.64
N LEU A 250 24.78 -25.56 -27.26
CA LEU A 250 26.11 -25.42 -26.63
C LEU A 250 26.45 -23.93 -26.37
N ASN A 251 26.10 -23.05 -27.32
CA ASN A 251 26.35 -21.61 -27.20
C ASN A 251 25.49 -21.06 -26.07
N HIS A 252 24.25 -21.56 -25.96
CA HIS A 252 23.41 -21.24 -24.81
C HIS A 252 24.12 -21.51 -23.48
N GLN A 253 24.62 -22.75 -23.36
CA GLN A 253 25.33 -23.21 -22.17
C GLN A 253 26.58 -22.36 -21.88
N ARG A 254 27.36 -22.12 -22.93
CA ARG A 254 28.59 -21.34 -22.77
C ARG A 254 28.28 -19.90 -22.36
N LEU A 255 27.16 -19.37 -22.88
CA LEU A 255 26.79 -17.99 -22.56
C LEU A 255 26.33 -17.87 -21.10
N ASP A 256 25.49 -18.80 -20.65
CA ASP A 256 25.15 -18.88 -19.21
C ASP A 256 26.36 -19.01 -18.29
N THR A 257 27.23 -19.96 -18.59
CA THR A 257 28.41 -20.15 -17.75
C THR A 257 29.18 -18.82 -17.69
N MSE A 258 29.29 -18.18 -18.86
N MSE A 258 29.35 -18.16 -18.82
CA MSE A 258 30.00 -16.92 -19.04
CA MSE A 258 30.14 -16.93 -18.79
C MSE A 258 29.47 -15.83 -18.11
C MSE A 258 29.46 -15.84 -17.95
O MSE A 258 30.23 -15.18 -17.40
O MSE A 258 30.10 -15.20 -17.12
CB MSE A 258 29.84 -16.46 -20.49
CB MSE A 258 30.47 -16.42 -20.18
CG MSE A 258 30.94 -15.52 -20.99
CG MSE A 258 31.28 -15.13 -20.15
SE MSE A 258 30.35 -14.33 -22.44
SE MSE A 258 30.17 -13.61 -19.59
CE MSE A 258 29.24 -13.11 -21.40
CE MSE A 258 29.36 -13.15 -21.30
N ILE A 259 28.16 -15.63 -18.14
CA ILE A 259 27.50 -14.64 -17.32
C ILE A 259 27.62 -15.09 -15.86
N ASN A 260 27.41 -16.38 -15.64
CA ASN A 260 27.53 -16.99 -14.31
C ASN A 260 28.81 -16.55 -13.56
N GLU A 261 29.97 -16.59 -14.21
CA GLU A 261 31.21 -16.22 -13.52
C GLU A 261 31.29 -14.73 -13.26
N LEU A 262 30.89 -13.92 -14.23
CA LEU A 262 30.93 -12.48 -14.04
C LEU A 262 29.99 -12.19 -12.88
N SER A 263 28.94 -12.99 -12.76
CA SER A 263 27.91 -12.77 -11.74
C SER A 263 28.35 -12.92 -10.26
N ASN A 264 29.28 -13.82 -9.96
CA ASN A 264 29.79 -13.97 -8.58
C ASN A 264 30.58 -12.73 -8.15
N GLN A 265 30.95 -11.91 -9.13
CA GLN A 265 31.86 -10.81 -8.91
C GLN A 265 31.15 -9.47 -8.82
N VAL A 266 29.81 -9.46 -8.69
CA VAL A 266 29.11 -8.18 -8.51
C VAL A 266 29.50 -7.54 -7.17
N ASP A 267 29.78 -6.24 -7.23
CA ASP A 267 30.05 -5.39 -6.06
C ASP A 267 28.75 -5.01 -5.28
N ILE A 268 27.62 -4.86 -5.97
CA ILE A 268 26.33 -4.65 -5.30
C ILE A 268 25.40 -5.84 -5.48
N PRO A 269 25.05 -6.52 -4.38
CA PRO A 269 24.17 -7.73 -4.37
C PRO A 269 22.75 -7.40 -4.79
N LYS A 270 22.05 -8.38 -5.33
CA LYS A 270 20.67 -8.10 -5.69
C LYS A 270 19.80 -8.04 -4.43
N GLY A 271 20.27 -8.66 -3.33
CA GLY A 271 19.48 -8.80 -2.11
C GLY A 271 18.23 -9.70 -2.20
N ASP A 272 17.21 -9.31 -1.45
CA ASP A 272 16.00 -10.13 -1.27
C ASP A 272 14.82 -9.69 -2.14
N SER A 273 13.97 -10.68 -2.51
CA SER A 273 12.74 -10.41 -3.27
C SER A 273 11.56 -10.20 -2.33
N VAL A 274 11.01 -8.99 -2.36
CA VAL A 274 9.82 -8.62 -1.63
C VAL A 274 8.71 -9.60 -2.00
N LEU A 275 8.53 -9.80 -3.29
CA LEU A 275 7.52 -10.72 -3.76
C LEU A 275 7.67 -12.16 -3.23
N ALA A 276 8.88 -12.67 -3.32
CA ALA A 276 9.15 -14.01 -2.85
C ALA A 276 8.82 -14.06 -1.36
N GLU A 277 9.13 -13.01 -0.62
CA GLU A 277 8.91 -13.04 0.83
C GLU A 277 7.46 -12.83 1.18
N SER A 278 6.67 -12.44 0.17
CA SER A 278 5.27 -12.17 0.37
C SER A 278 4.37 -13.09 -0.42
N GLN A 279 4.95 -14.13 -1.02
CA GLN A 279 4.16 -15.06 -1.84
C GLN A 279 2.83 -15.47 -1.20
N GLU A 280 2.83 -15.94 0.04
CA GLU A 280 1.58 -16.52 0.57
C GLU A 280 0.53 -15.42 0.74
N MSE A 281 0.97 -14.27 1.21
CA MSE A 281 0.09 -13.12 1.42
C MSE A 281 -0.53 -12.62 0.10
O MSE A 281 -1.74 -12.34 0.07
CB MSE A 281 0.87 -11.98 2.10
CG MSE A 281 0.13 -10.65 2.09
SE MSE A 281 0.92 -9.25 3.24
CE MSE A 281 2.54 -8.82 2.23
N ILE A 282 0.30 -12.48 -0.95
CA ILE A 282 -0.16 -12.21 -2.33
C ILE A 282 -1.13 -13.30 -2.96
N ASP A 283 -0.88 -14.59 -2.78
CA ASP A 283 -1.88 -15.62 -3.16
C ASP A 283 -3.27 -15.42 -2.49
N ARG A 284 -3.24 -15.08 -1.19
N ARG A 284 -3.25 -15.09 -1.19
CA ARG A 284 -4.44 -14.74 -0.44
CA ARG A 284 -4.48 -14.74 -0.47
C ARG A 284 -5.20 -13.53 -1.01
C ARG A 284 -5.19 -13.56 -1.12
N LEU A 285 -4.49 -12.43 -1.29
CA LEU A 285 -5.13 -11.19 -1.73
C LEU A 285 -5.75 -11.33 -3.09
N MSE A 286 -5.20 -12.25 -3.85
CA MSE A 286 -5.61 -12.54 -5.22
C MSE A 286 -6.57 -13.74 -5.33
O MSE A 286 -6.81 -14.22 -6.44
CB MSE A 286 -4.37 -12.86 -6.10
CG MSE A 286 -3.37 -11.74 -6.23
SE MSE A 286 -3.99 -10.18 -7.19
CE MSE A 286 -4.40 -9.04 -5.64
N ALA A 287 -7.08 -14.26 -4.21
CA ALA A 287 -7.91 -15.47 -4.28
C ALA A 287 -9.39 -15.16 -4.63
N GLY A 288 -10.11 -16.20 -5.06
CA GLY A 288 -11.52 -16.03 -5.36
C GLY A 288 -11.77 -15.31 -6.66
N SER A 289 -12.96 -14.72 -6.77
CA SER A 289 -13.41 -14.12 -8.03
C SER A 289 -12.78 -12.74 -8.07
N LEU A 290 -12.98 -12.00 -9.18
CA LEU A 290 -12.40 -10.65 -9.33
C LEU A 290 -13.07 -9.71 -8.36
N THR A 291 -14.34 -9.99 -8.13
CA THR A 291 -15.10 -9.27 -7.12
C THR A 291 -14.48 -9.42 -5.68
N ASP A 292 -14.07 -10.62 -5.30
CA ASP A 292 -13.49 -10.78 -3.97
C ASP A 292 -12.26 -9.87 -3.89
N ILE A 293 -11.38 -10.03 -4.88
CA ILE A 293 -10.09 -9.36 -4.96
C ILE A 293 -10.22 -7.85 -4.87
N VAL A 294 -11.14 -7.30 -5.67
CA VAL A 294 -11.35 -5.84 -5.68
C VAL A 294 -11.86 -5.36 -4.33
N THR A 295 -12.73 -6.13 -3.70
CA THR A 295 -13.17 -5.77 -2.36
C THR A 295 -12.03 -5.94 -1.32
N ARG A 296 -11.37 -7.09 -1.35
CA ARG A 296 -10.20 -7.32 -0.52
C ARG A 296 -9.17 -6.18 -0.63
N MSE A 297 -8.81 -5.81 -1.85
CA MSE A 297 -7.79 -4.78 -2.10
C MSE A 297 -8.16 -3.42 -1.55
O MSE A 297 -7.35 -2.74 -0.92
CB MSE A 297 -7.47 -4.63 -3.61
CG MSE A 297 -6.83 -5.87 -4.26
SE MSE A 297 -5.21 -6.33 -3.31
CE MSE A 297 -3.88 -5.24 -4.26
N SER A 298 -9.41 -3.02 -1.83
CA SER A 298 -9.92 -1.70 -1.45
C SER A 298 -10.28 -1.69 0.03
N THR A 299 -10.31 -2.89 0.62
CA THR A 299 -10.55 -3.06 2.06
C THR A 299 -9.26 -2.97 2.90
N LEU A 300 -8.13 -3.33 2.34
CA LEU A 300 -6.93 -3.52 3.16
C LEU A 300 -6.25 -2.18 3.53
N SER A 301 -5.65 -2.16 4.72
CA SER A 301 -4.69 -1.14 5.13
C SER A 301 -3.40 -1.89 5.44
N THR A 302 -2.26 -1.19 5.37
CA THR A 302 -0.98 -1.85 5.58
C THR A 302 0.05 -0.76 5.62
N ASP A 303 1.14 -1.04 6.34
CA ASP A 303 2.19 -0.06 6.52
C ASP A 303 3.31 -0.33 5.51
N GLU A 304 3.09 -1.35 4.70
CA GLU A 304 4.01 -1.70 3.63
C GLU A 304 3.81 -0.73 2.46
N ALA A 305 4.71 0.24 2.30
CA ALA A 305 4.61 1.21 1.22
C ALA A 305 4.40 0.52 -0.14
N TRP A 306 5.20 -0.49 -0.43
CA TRP A 306 5.18 -1.11 -1.74
C TRP A 306 3.79 -1.63 -1.99
N LEU A 307 3.14 -2.12 -0.92
CA LEU A 307 1.89 -2.86 -1.08
C LEU A 307 0.72 -1.91 -1.13
N SER A 308 0.83 -0.79 -0.42
CA SER A 308 -0.22 0.24 -0.48
C SER A 308 -0.19 1.09 -1.76
N LYS A 309 0.97 1.29 -2.37
N LYS A 309 0.97 1.29 -2.38
CA LYS A 309 1.00 1.88 -3.71
CA LYS A 309 0.94 1.91 -3.72
C LYS A 309 0.34 0.91 -4.69
C LYS A 309 0.38 0.91 -4.74
N ALA A 310 0.68 -0.36 -4.56
CA ALA A 310 0.15 -1.37 -5.46
C ALA A 310 -1.37 -1.26 -5.44
N CYS A 311 -1.95 -1.33 -4.25
CA CYS A 311 -3.38 -1.12 -4.07
C CYS A 311 -3.91 0.10 -4.77
N ALA A 312 -3.34 1.27 -4.42
CA ALA A 312 -3.75 2.55 -5.01
C ALA A 312 -3.58 2.60 -6.55
N THR A 313 -2.58 1.92 -7.08
CA THR A 313 -2.39 1.93 -8.53
C THR A 313 -3.46 1.09 -9.19
N MSE A 314 -3.67 -0.09 -8.64
CA MSE A 314 -4.76 -0.93 -9.14
C MSE A 314 -6.10 -0.17 -9.13
O MSE A 314 -6.76 -0.04 -10.17
CB MSE A 314 -4.85 -2.23 -8.34
CG MSE A 314 -6.12 -2.99 -8.63
SE MSE A 314 -6.34 -4.56 -7.55
CE MSE A 314 -8.14 -5.04 -8.08
N LEU A 315 -6.49 0.35 -7.96
CA LEU A 315 -7.80 0.99 -7.78
C LEU A 315 -8.02 2.25 -8.63
N ALA A 316 -6.95 2.88 -9.11
CA ALA A 316 -7.09 4.04 -9.98
C ALA A 316 -7.14 3.65 -11.48
N GLY A 317 -6.77 2.41 -11.80
CA GLY A 317 -6.76 1.98 -13.19
C GLY A 317 -8.14 1.58 -13.75
N SER A 318 -8.18 1.17 -15.02
CA SER A 318 -9.46 0.87 -15.72
C SER A 318 -10.17 -0.41 -15.22
N PRO A 319 -11.40 -0.29 -14.64
CA PRO A 319 -12.17 -1.50 -14.32
C PRO A 319 -12.24 -2.57 -15.46
N ILE A 320 -12.35 -2.14 -16.72
CA ILE A 320 -12.24 -3.04 -17.89
C ILE A 320 -10.89 -3.80 -17.86
N SER A 321 -9.80 -3.07 -17.57
CA SER A 321 -8.45 -3.68 -17.44
C SER A 321 -8.39 -4.79 -16.37
N TRP A 322 -9.08 -4.58 -15.25
CA TRP A 322 -9.09 -5.57 -14.18
C TRP A 322 -9.75 -6.84 -14.72
N HIS A 323 -10.81 -6.69 -15.53
CA HIS A 323 -11.49 -7.88 -16.08
C HIS A 323 -10.56 -8.66 -17.03
N LEU A 324 -9.88 -7.92 -17.90
CA LEU A 324 -8.98 -8.50 -18.85
C LEU A 324 -7.83 -9.19 -18.13
N ALA A 325 -7.19 -8.52 -17.18
CA ALA A 325 -6.11 -9.21 -16.48
C ALA A 325 -6.63 -10.51 -15.88
N TYR A 326 -7.85 -10.44 -15.34
CA TYR A 326 -8.45 -11.56 -14.59
C TYR A 326 -8.84 -12.72 -15.51
N ILE A 327 -9.35 -12.38 -16.68
CA ILE A 327 -9.69 -13.38 -17.70
C ILE A 327 -8.45 -14.12 -18.21
N GLN A 328 -7.34 -13.38 -18.34
CA GLN A 328 -6.07 -13.98 -18.73
C GLN A 328 -5.65 -15.15 -17.88
N THR A 329 -5.81 -15.01 -16.56
CA THR A 329 -5.56 -16.09 -15.60
C THR A 329 -6.46 -17.34 -15.78
N GLN A 330 -7.71 -17.17 -16.27
CA GLN A 330 -8.59 -18.30 -16.61
C GLN A 330 -8.12 -19.05 -17.85
N LEU A 331 -7.23 -18.42 -18.62
CA LEU A 331 -6.70 -19.10 -19.79
C LEU A 331 -5.81 -20.30 -19.40
N GLY A 332 -5.39 -20.37 -18.14
CA GLY A 332 -4.48 -21.45 -17.79
C GLY A 332 -3.23 -21.46 -18.68
N THR A 333 -2.65 -22.64 -18.86
CA THR A 333 -1.35 -22.83 -19.55
C THR A 333 -1.40 -23.82 -20.77
N LYS A 334 -2.60 -24.15 -21.23
CA LYS A 334 -2.73 -25.12 -22.32
C LYS A 334 -2.28 -24.53 -23.69
N LEU A 335 -2.71 -23.29 -23.98
CA LEU A 335 -2.38 -22.53 -25.21
C LEU A 335 -0.89 -22.39 -25.51
N SER A 336 -0.50 -22.56 -26.77
CA SER A 336 0.89 -22.30 -27.11
C SER A 336 1.13 -20.78 -27.02
N LEU A 337 2.41 -20.42 -27.04
CA LEU A 337 2.79 -19.03 -27.15
C LEU A 337 2.08 -18.34 -28.33
N ALA A 338 2.06 -19.00 -29.49
CA ALA A 338 1.47 -18.40 -30.67
C ALA A 338 -0.04 -18.19 -30.48
N GLN A 339 -0.68 -19.14 -29.80
CA GLN A 339 -2.07 -18.97 -29.45
C GLN A 339 -2.29 -17.79 -28.50
N CYS A 340 -1.38 -17.50 -27.55
CA CYS A 340 -1.59 -16.33 -26.67
C CYS A 340 -1.54 -15.01 -27.43
N PHE A 341 -0.66 -14.94 -28.42
CA PHE A 341 -0.48 -13.73 -29.21
C PHE A 341 -1.73 -13.55 -30.08
N LYS A 342 -2.24 -14.64 -30.62
CA LYS A 342 -3.41 -14.52 -31.47
C LYS A 342 -4.54 -13.99 -30.60
N TRP A 343 -4.68 -14.54 -29.42
CA TRP A 343 -5.72 -14.04 -28.54
C TRP A 343 -5.51 -12.54 -28.18
N GLU A 344 -4.29 -12.17 -27.82
CA GLU A 344 -3.96 -10.77 -27.57
C GLU A 344 -4.19 -9.82 -28.76
N LEU A 345 -3.93 -10.25 -29.99
CA LEU A 345 -4.11 -9.28 -31.06
C LEU A 345 -5.58 -8.82 -31.08
N THR A 346 -6.47 -9.78 -30.78
CA THR A 346 -7.92 -9.58 -30.73
C THR A 346 -8.35 -8.64 -29.61
N VAL A 347 -7.89 -8.92 -28.38
CA VAL A 347 -8.22 -8.10 -27.22
C VAL A 347 -7.60 -6.67 -27.26
N SER A 348 -6.32 -6.58 -27.59
CA SER A 348 -5.64 -5.31 -27.76
C SER A 348 -6.35 -4.45 -28.79
N VAL A 349 -6.60 -5.04 -29.94
CA VAL A 349 -7.23 -4.29 -31.03
C VAL A 349 -8.60 -3.76 -30.53
N ASN A 350 -9.32 -4.59 -29.76
CA ASN A 350 -10.65 -4.28 -29.24
C ASN A 350 -10.71 -3.36 -28.03
N VAL A 351 -9.69 -3.46 -27.17
N VAL A 351 -9.73 -3.44 -27.12
CA VAL A 351 -9.48 -2.58 -26.02
CA VAL A 351 -9.70 -2.47 -26.02
C VAL A 351 -9.29 -1.14 -26.48
C VAL A 351 -9.37 -1.06 -26.54
N CYS A 352 -8.52 -0.95 -27.54
CA CYS A 352 -8.21 0.39 -28.03
C CYS A 352 -9.47 1.06 -28.56
N ALA A 353 -10.32 0.30 -29.24
CA ALA A 353 -11.55 0.81 -29.80
C ALA A 353 -12.66 1.05 -28.76
N LYS A 354 -12.86 0.06 -27.87
CA LYS A 354 -14.00 0.04 -26.93
C LYS A 354 -13.67 0.00 -25.41
N GLY A 355 -12.39 -0.07 -25.04
CA GLY A 355 -12.02 -0.15 -23.64
C GLY A 355 -11.83 1.24 -23.06
N ASP A 356 -10.94 1.39 -22.06
CA ASP A 356 -10.63 2.67 -21.41
C ASP A 356 -9.31 3.29 -21.85
N PHE A 357 -8.70 2.69 -22.86
CA PHE A 357 -7.35 3.00 -23.31
C PHE A 357 -7.23 4.46 -23.77
N CYS A 358 -8.16 4.90 -24.60
CA CYS A 358 -8.10 6.27 -25.10
C CYS A 358 -8.19 7.30 -23.94
N GLU A 359 -9.18 7.18 -23.05
CA GLU A 359 -9.22 8.01 -21.83
C GLU A 359 -7.94 7.84 -21.01
N GLY A 360 -7.41 6.62 -21.00
CA GLY A 360 -6.19 6.30 -20.25
C GLY A 360 -5.03 7.10 -20.77
N VAL A 361 -4.86 7.05 -22.09
CA VAL A 361 -3.76 7.73 -22.75
C VAL A 361 -4.05 9.22 -22.90
N ARG A 362 -5.31 9.62 -22.79
CA ARG A 362 -5.52 11.04 -22.77
C ARG A 362 -5.03 11.56 -21.40
N ALA A 363 -5.34 10.84 -20.33
CA ALA A 363 -5.12 11.34 -18.95
C ALA A 363 -3.67 11.34 -18.48
N LEU A 364 -2.93 10.28 -18.78
CA LEU A 364 -1.54 10.17 -18.39
C LEU A 364 -0.57 10.81 -19.42
N LEU A 365 -0.88 10.70 -20.71
CA LEU A 365 0.10 11.03 -21.74
C LEU A 365 -0.15 12.33 -22.55
N ILE A 366 -1.36 12.55 -23.04
CA ILE A 366 -1.61 13.72 -23.89
C ILE A 366 -1.93 14.99 -23.08
N ASP A 367 -3.04 14.97 -22.35
CA ASP A 367 -3.45 16.07 -21.45
C ASP A 367 -2.68 16.09 -20.13
N LYS A 368 -2.14 14.93 -19.74
CA LYS A 368 -1.23 14.82 -18.61
C LYS A 368 -1.78 15.20 -17.22
N ASP A 369 -3.10 15.37 -17.10
CA ASP A 369 -3.78 15.69 -15.81
C ASP A 369 -3.99 14.47 -14.90
N LYS A 370 -3.75 13.28 -15.45
CA LYS A 370 -3.80 12.05 -14.69
C LYS A 370 -5.08 11.99 -13.88
N GLN A 371 -6.18 12.33 -14.55
CA GLN A 371 -7.52 12.25 -13.99
C GLN A 371 -8.45 11.43 -14.92
N PRO A 372 -8.22 10.08 -15.04
CA PRO A 372 -9.06 9.32 -15.97
C PRO A 372 -10.49 9.27 -15.43
N LYS A 373 -11.46 9.50 -16.31
CA LYS A 373 -12.87 9.26 -15.97
C LYS A 373 -13.25 8.00 -16.75
N TRP A 374 -13.30 6.86 -16.05
CA TRP A 374 -13.39 5.58 -16.76
C TRP A 374 -14.80 5.37 -17.27
N GLN A 375 -14.91 4.60 -18.34
CA GLN A 375 -16.18 4.44 -19.01
C GLN A 375 -17.17 3.80 -18.03
N PHE A 376 -16.69 2.91 -17.17
CA PHE A 376 -17.52 2.31 -16.09
C PHE A 376 -16.83 2.56 -14.76
N ALA A 377 -17.61 2.65 -13.69
CA ALA A 377 -17.15 3.17 -12.41
C ALA A 377 -16.37 2.16 -11.60
N ASP A 378 -16.96 1.00 -11.43
CA ASP A 378 -16.39 0.01 -10.54
C ASP A 378 -16.38 -1.36 -11.24
N VAL A 379 -15.99 -2.41 -10.52
CA VAL A 379 -15.89 -3.71 -11.16
C VAL A 379 -17.25 -4.17 -11.66
N GLN A 380 -18.26 -4.11 -10.79
CA GLN A 380 -19.57 -4.65 -11.18
C GLN A 380 -20.13 -3.93 -12.41
N SER A 381 -19.81 -2.66 -12.57
CA SER A 381 -20.47 -1.89 -13.62
C SER A 381 -20.03 -2.21 -15.02
N VAL A 382 -18.93 -2.94 -15.15
CA VAL A 382 -18.49 -3.24 -16.49
C VAL A 382 -19.43 -4.34 -16.96
N PRO A 383 -20.25 -4.06 -18.00
CA PRO A 383 -21.27 -5.03 -18.44
C PRO A 383 -20.58 -6.21 -19.11
N ASN A 384 -21.07 -7.42 -18.86
CA ASN A 384 -20.42 -8.64 -19.36
C ASN A 384 -20.41 -8.73 -20.89
N SER A 385 -21.41 -8.06 -21.49
CA SER A 385 -21.57 -7.99 -22.92
C SER A 385 -20.52 -7.07 -23.53
N VAL A 386 -19.95 -6.16 -22.75
CA VAL A 386 -18.78 -5.36 -23.18
C VAL A 386 -17.49 -6.19 -23.23
N ILE A 387 -17.27 -6.96 -22.16
CA ILE A 387 -16.10 -7.82 -22.04
C ILE A 387 -16.12 -8.83 -23.19
N GLU A 388 -17.32 -9.39 -23.43
CA GLU A 388 -17.51 -10.43 -24.42
C GLU A 388 -17.28 -9.87 -25.79
N ASP A 389 -17.79 -8.70 -26.05
CA ASP A 389 -17.44 -8.12 -27.31
C ASP A 389 -15.91 -7.99 -27.42
N ILE A 390 -15.25 -7.43 -26.40
CA ILE A 390 -13.78 -7.27 -26.47
C ILE A 390 -13.05 -8.61 -26.77
N LEU A 391 -13.57 -9.73 -26.24
CA LEU A 391 -12.93 -11.03 -26.45
C LEU A 391 -13.16 -11.65 -27.84
N THR A 392 -14.06 -11.08 -28.62
CA THR A 392 -14.48 -11.71 -29.87
C THR A 392 -13.74 -11.13 -31.08
N SER A 393 -13.08 -11.98 -31.87
CA SER A 393 -12.39 -11.62 -33.13
C SER A 393 -13.15 -10.59 -34.03
N PRO A 394 -12.66 -9.33 -34.12
CA PRO A 394 -13.33 -8.50 -35.12
C PRO A 394 -13.00 -9.02 -36.54
N TRP A 395 -12.32 -10.16 -36.60
CA TRP A 395 -12.18 -10.95 -37.82
C TRP A 395 -12.26 -12.45 -37.49
N GLN B 37 -20.94 -11.74 24.71
CA GLN B 37 -20.35 -12.25 23.47
C GLN B 37 -19.29 -11.32 22.85
N ASN B 38 -19.64 -10.06 22.55
CA ASN B 38 -18.68 -9.13 21.95
C ASN B 38 -17.64 -8.51 22.91
N VAL B 39 -17.97 -8.46 24.20
CA VAL B 39 -17.04 -8.18 25.30
C VAL B 39 -17.29 -9.21 26.43
N VAL B 40 -16.24 -9.92 26.85
CA VAL B 40 -16.36 -10.95 27.89
C VAL B 40 -15.73 -10.50 29.21
N PHE B 41 -16.30 -10.93 30.33
CA PHE B 41 -15.81 -10.48 31.62
C PHE B 41 -15.47 -11.61 32.55
N GLN B 42 -14.33 -11.49 33.21
CA GLN B 42 -13.87 -12.60 34.03
C GLN B 42 -13.19 -12.11 35.25
N THR B 43 -13.04 -12.99 36.23
CA THR B 43 -12.24 -12.70 37.42
C THR B 43 -11.24 -13.81 37.71
N LEU B 44 -10.10 -13.42 38.26
CA LEU B 44 -9.02 -14.31 38.57
C LEU B 44 -8.67 -14.07 40.03
N ALA B 45 -8.54 -15.18 40.76
CA ALA B 45 -8.02 -15.14 42.12
C ALA B 45 -6.47 -15.05 42.11
N THR B 46 -5.91 -14.29 43.02
CA THR B 46 -4.46 -14.25 43.15
C THR B 46 -4.11 -14.88 44.49
N ALA B 47 -2.86 -15.34 44.60
CA ALA B 47 -2.33 -15.91 45.85
C ALA B 47 -2.59 -15.01 47.05
N SER B 48 -2.55 -13.69 46.84
CA SER B 48 -2.77 -12.78 47.97
C SER B 48 -4.25 -12.81 48.41
N GLY B 49 -5.12 -13.36 47.56
CA GLY B 49 -6.56 -13.39 47.82
C GLY B 49 -7.35 -12.35 47.04
N LYS B 50 -6.71 -11.24 46.66
CA LYS B 50 -7.38 -10.22 45.86
C LYS B 50 -7.71 -10.88 44.51
N LEU B 51 -8.77 -10.36 43.87
CA LEU B 51 -9.16 -10.79 42.54
C LEU B 51 -8.71 -9.73 41.54
N VAL B 52 -8.56 -10.13 40.28
CA VAL B 52 -8.30 -9.22 39.19
C VAL B 52 -9.46 -9.38 38.22
N GLY B 53 -10.00 -8.24 37.77
CA GLY B 53 -11.01 -8.25 36.74
C GLY B 53 -10.33 -8.25 35.39
N VAL B 54 -10.90 -8.98 34.41
CA VAL B 54 -10.38 -8.94 33.04
C VAL B 54 -11.54 -8.64 32.06
N VAL B 55 -11.43 -7.53 31.33
CA VAL B 55 -12.40 -7.14 30.30
C VAL B 55 -11.78 -7.51 28.99
N THR B 56 -12.40 -8.40 28.25
CA THR B 56 -11.81 -8.78 26.97
C THR B 56 -12.75 -8.39 25.85
N LEU B 57 -12.34 -7.38 25.07
CA LEU B 57 -13.00 -7.04 23.81
C LEU B 57 -12.88 -8.20 22.81
N ASN B 58 -14.02 -8.57 22.24
CA ASN B 58 -14.13 -9.81 21.54
C ASN B 58 -14.88 -9.72 20.19
N VAL B 59 -14.40 -8.93 19.24
CA VAL B 59 -14.97 -9.01 17.89
C VAL B 59 -13.86 -9.12 16.88
N GLU B 60 -13.09 -10.19 17.00
CA GLU B 60 -11.86 -10.39 16.23
C GLU B 60 -11.94 -10.14 14.72
N LYS B 61 -13.10 -10.38 14.10
CA LYS B 61 -13.20 -10.16 12.66
C LYS B 61 -13.27 -8.67 12.27
N ALA B 62 -13.66 -7.84 13.25
CA ALA B 62 -13.71 -6.40 13.06
C ALA B 62 -12.53 -5.73 13.78
N LEU B 63 -11.59 -6.56 14.23
CA LEU B 63 -10.43 -6.11 15.01
C LEU B 63 -10.82 -5.51 16.39
N ASN B 64 -11.90 -6.05 16.98
CA ASN B 64 -12.37 -5.65 18.31
C ASN B 64 -12.94 -4.26 18.37
N ALA B 65 -13.47 -3.79 17.23
CA ALA B 65 -14.11 -2.47 17.09
C ALA B 65 -15.20 -2.30 18.16
N LEU B 66 -15.19 -1.14 18.79
CA LEU B 66 -15.99 -0.84 19.98
C LEU B 66 -17.38 -0.35 19.59
N ASP B 67 -18.44 -1.04 20.02
CA ASP B 67 -19.80 -0.53 19.74
C ASP B 67 -20.55 -0.08 20.99
N LEU B 68 -21.69 0.57 20.77
CA LEU B 68 -22.44 1.11 21.89
C LEU B 68 -22.79 0.02 22.93
N ASP B 69 -23.16 -1.18 22.50
CA ASP B 69 -23.49 -2.21 23.47
C ASP B 69 -22.27 -2.62 24.29
N MSE B 70 -21.09 -2.55 23.68
CA MSE B 70 -19.84 -2.87 24.38
C MSE B 70 -19.50 -1.82 25.43
O MSE B 70 -19.22 -2.14 26.57
CB MSE B 70 -18.70 -3.09 23.40
CG MSE B 70 -18.89 -4.38 22.59
SE MSE B 70 -17.87 -4.33 20.93
CE MSE B 70 -16.08 -4.72 21.66
N VAL B 71 -19.57 -0.56 25.02
CA VAL B 71 -19.50 0.56 25.95
C VAL B 71 -20.41 0.42 27.18
N ARG B 72 -21.71 0.22 26.95
CA ARG B 72 -22.63 -0.07 28.05
C ARG B 72 -22.14 -1.22 28.92
N ALA B 73 -21.81 -2.37 28.35
CA ALA B 73 -21.49 -3.55 29.19
C ALA B 73 -20.26 -3.29 30.02
N MSE B 74 -19.24 -2.70 29.39
CA MSE B 74 -18.01 -2.34 30.11
C MSE B 74 -18.23 -1.35 31.27
O MSE B 74 -17.62 -1.48 32.34
CB MSE B 74 -16.95 -1.79 29.13
CG MSE B 74 -16.59 -2.78 28.06
SE MSE B 74 -15.53 -2.09 26.61
CE MSE B 74 -14.05 -1.50 27.66
N THR B 75 -19.12 -0.37 31.05
CA THR B 75 -19.30 0.70 32.00
C THR B 75 -19.95 0.15 33.23
N VAL B 76 -20.97 -0.66 32.98
CA VAL B 76 -21.74 -1.30 34.05
C VAL B 76 -20.85 -2.22 34.89
N GLN B 77 -20.10 -3.08 34.23
CA GLN B 77 -19.15 -4.00 34.91
C GLN B 77 -17.96 -3.30 35.58
N LEU B 78 -17.38 -2.33 34.88
CA LEU B 78 -16.30 -1.57 35.47
C LEU B 78 -16.80 -0.79 36.71
N ASN B 79 -17.99 -0.22 36.59
CA ASN B 79 -18.57 0.44 37.75
C ASN B 79 -18.69 -0.51 38.94
N LEU B 80 -19.19 -1.71 38.68
N LEU B 80 -19.21 -1.69 38.67
CA LEU B 80 -19.41 -2.66 39.76
CA LEU B 80 -19.38 -2.69 39.71
C LEU B 80 -18.07 -3.17 40.35
C LEU B 80 -18.03 -3.01 40.35
N TRP B 81 -17.06 -3.32 39.51
CA TRP B 81 -15.76 -3.76 39.98
C TRP B 81 -15.11 -2.64 40.81
N LYS B 82 -15.38 -1.38 40.43
CA LYS B 82 -14.79 -0.26 41.16
C LYS B 82 -15.22 -0.23 42.64
N LYS B 83 -16.48 -0.55 42.90
CA LYS B 83 -17.06 -0.59 44.25
C LYS B 83 -16.80 -1.92 44.97
N ASP B 84 -16.36 -2.94 44.23
CA ASP B 84 -16.23 -4.27 44.82
C ASP B 84 -14.91 -4.39 45.59
N PRO B 85 -14.96 -4.49 46.92
CA PRO B 85 -13.69 -4.50 47.69
C PRO B 85 -12.79 -5.69 47.30
N LEU B 86 -13.39 -6.81 46.89
CA LEU B 86 -12.59 -7.93 46.44
C LEU B 86 -11.63 -7.65 45.26
N ILE B 87 -11.99 -6.72 44.38
CA ILE B 87 -11.22 -6.52 43.12
C ILE B 87 -10.09 -5.55 43.34
N ALA B 88 -8.84 -5.95 43.08
CA ALA B 88 -7.70 -5.03 43.32
C ALA B 88 -7.27 -4.29 42.06
N CYS B 89 -7.58 -4.88 40.93
CA CYS B 89 -6.99 -4.42 39.68
C CYS B 89 -7.92 -4.90 38.56
N VAL B 90 -7.95 -4.14 37.47
CA VAL B 90 -8.66 -4.48 36.24
C VAL B 90 -7.72 -4.50 35.00
N VAL B 91 -7.87 -5.51 34.16
CA VAL B 91 -7.10 -5.61 32.92
C VAL B 91 -8.06 -5.41 31.72
N LEU B 92 -7.63 -4.65 30.72
CA LEU B 92 -8.32 -4.55 29.47
C LEU B 92 -7.44 -5.22 28.44
N ASP B 93 -8.07 -5.98 27.55
N ASP B 93 -8.03 -6.08 27.61
CA ASP B 93 -7.36 -6.67 26.49
CA ASP B 93 -7.33 -6.60 26.43
C ASP B 93 -8.35 -6.95 25.35
C ASP B 93 -8.34 -6.87 25.33
N GLY B 94 -7.86 -7.28 24.16
CA GLY B 94 -8.75 -7.54 23.05
C GLY B 94 -8.39 -8.91 22.52
N SER B 95 -9.38 -9.74 22.14
CA SER B 95 -9.08 -11.12 21.69
C SER B 95 -8.36 -11.10 20.33
N GLY B 96 -7.65 -12.19 20.02
CA GLY B 96 -6.76 -12.26 18.86
C GLY B 96 -5.49 -11.39 18.94
N GLU B 97 -4.46 -11.75 18.18
CA GLU B 97 -3.21 -10.97 18.18
C GLU B 97 -3.20 -9.65 17.34
N LYS B 98 -3.86 -9.63 16.18
CA LYS B 98 -3.86 -8.43 15.36
C LYS B 98 -4.17 -7.14 16.15
N ALA B 99 -5.08 -7.21 17.12
CA ALA B 99 -5.58 -5.99 17.77
C ALA B 99 -6.05 -6.08 19.20
N PHE B 100 -5.68 -5.02 19.92
CA PHE B 100 -6.37 -4.59 21.11
C PHE B 100 -7.73 -4.07 20.64
N CYS B 101 -7.77 -2.90 20.01
CA CYS B 101 -9.02 -2.34 19.54
C CYS B 101 -8.70 -1.29 18.48
N ALA B 102 -9.13 -1.52 17.24
CA ALA B 102 -8.76 -0.66 16.11
C ALA B 102 -9.65 0.58 15.85
N GLY B 103 -10.73 0.76 16.63
CA GLY B 103 -11.58 1.94 16.49
C GLY B 103 -13.01 1.72 16.99
N GLY B 104 -13.88 2.73 17.00
CA GLY B 104 -15.30 2.55 17.28
C GLY B 104 -15.99 1.94 16.07
N ASP B 105 -17.14 1.30 16.24
CA ASP B 105 -17.85 0.85 15.06
C ASP B 105 -18.82 1.95 14.72
N VAL B 106 -18.49 2.69 13.65
CA VAL B 106 -19.22 3.88 13.33
C VAL B 106 -20.26 3.63 12.24
N ARG B 107 -20.40 2.39 11.79
CA ARG B 107 -21.32 2.08 10.71
C ARG B 107 -22.71 2.63 10.99
N ALA B 108 -23.26 2.35 12.16
CA ALA B 108 -24.65 2.76 12.42
C ALA B 108 -24.81 4.25 12.78
N LEU B 109 -23.75 4.84 13.34
CA LEU B 109 -23.63 6.31 13.45
C LEU B 109 -23.70 6.95 12.07
N TYR B 110 -23.01 6.36 11.09
CA TYR B 110 -23.01 6.91 9.73
C TYR B 110 -24.43 7.04 9.22
N HIS B 111 -25.15 5.93 9.24
CA HIS B 111 -26.49 5.90 8.71
C HIS B 111 -27.47 6.81 9.47
N ALA B 112 -27.41 6.83 10.79
CA ALA B 112 -28.27 7.77 11.50
C ALA B 112 -27.94 9.19 11.06
N SER B 113 -26.65 9.47 10.84
CA SER B 113 -26.19 10.84 10.48
C SER B 113 -26.58 11.27 9.05
N VAL B 114 -26.35 10.39 8.09
CA VAL B 114 -26.86 10.57 6.73
C VAL B 114 -28.35 10.89 6.76
N ALA B 115 -29.10 10.07 7.52
CA ALA B 115 -30.57 10.20 7.70
C ALA B 115 -31.01 11.64 8.05
N ALA B 116 -30.33 12.18 9.06
CA ALA B 116 -30.61 13.49 9.66
C ALA B 116 -30.25 14.71 8.82
N LYS B 117 -29.34 14.55 7.87
CA LYS B 117 -28.92 15.61 6.95
C LYS B 117 -28.78 16.98 7.60
N GLY B 118 -27.65 17.21 8.25
CA GLY B 118 -27.32 18.53 8.76
C GLY B 118 -27.94 18.84 10.10
N GLN B 119 -28.66 17.86 10.63
CA GLN B 119 -29.31 17.98 11.92
C GLN B 119 -28.62 17.12 12.98
N VAL B 120 -28.45 17.63 14.19
CA VAL B 120 -27.75 16.79 15.17
C VAL B 120 -28.68 15.64 15.53
N THR B 121 -28.08 14.50 15.91
CA THR B 121 -28.88 13.31 16.26
C THR B 121 -28.69 12.80 17.67
N GLU B 122 -29.81 12.34 18.24
CA GLU B 122 -29.77 11.60 19.51
C GLU B 122 -28.87 10.42 19.33
N VAL B 123 -28.90 9.76 18.17
CA VAL B 123 -27.94 8.66 17.96
C VAL B 123 -26.49 9.12 18.26
N ALA B 124 -26.10 10.29 17.72
CA ALA B 124 -24.75 10.81 17.87
C ALA B 124 -24.51 11.21 19.32
N LYS B 125 -25.49 11.85 19.94
CA LYS B 125 -25.31 12.29 21.29
C LYS B 125 -25.06 11.10 22.26
N VAL B 126 -25.82 10.03 22.05
CA VAL B 126 -25.75 8.86 22.92
C VAL B 126 -24.40 8.18 22.75
N PHE B 127 -24.02 7.94 21.50
CA PHE B 127 -22.79 7.23 21.17
C PHE B 127 -21.56 7.89 21.87
N PHE B 128 -21.38 9.18 21.61
CA PHE B 128 -20.30 9.98 22.14
C PHE B 128 -20.39 10.14 23.65
N GLU B 129 -21.56 10.49 24.21
CA GLU B 129 -21.61 10.73 25.66
C GLU B 129 -21.26 9.50 26.46
N GLU B 130 -21.68 8.37 25.96
CA GLU B 130 -21.41 7.12 26.66
C GLU B 130 -19.98 6.59 26.44
N GLU B 131 -19.44 6.69 25.24
CA GLU B 131 -18.03 6.39 25.13
C GLU B 131 -17.23 7.32 26.07
N TYR B 132 -17.54 8.60 26.08
CA TYR B 132 -16.66 9.52 26.82
C TYR B 132 -16.73 9.25 28.34
N ARG B 133 -17.92 8.88 28.81
CA ARG B 133 -18.14 8.48 30.20
C ARG B 133 -17.30 7.23 30.55
N LEU B 134 -17.26 6.26 29.65
CA LEU B 134 -16.37 5.11 29.77
C LEU B 134 -14.85 5.52 29.81
N ASP B 135 -14.44 6.40 28.89
CA ASP B 135 -13.04 6.86 28.85
C ASP B 135 -12.75 7.51 30.18
N TYR B 136 -13.66 8.38 30.58
CA TYR B 136 -13.43 9.14 31.76
C TYR B 136 -13.32 8.20 33.00
N LEU B 137 -14.23 7.23 33.06
CA LEU B 137 -14.28 6.31 34.18
C LEU B 137 -12.92 5.62 34.30
N LEU B 138 -12.36 5.19 33.15
CA LEU B 138 -11.02 4.56 33.09
C LEU B 138 -9.88 5.43 33.61
N HIS B 139 -9.83 6.68 33.15
CA HIS B 139 -8.84 7.66 33.64
C HIS B 139 -8.97 7.87 35.16
N THR B 140 -10.17 7.78 35.71
CA THR B 140 -10.39 8.16 37.10
C THR B 140 -10.69 6.90 37.93
N TYR B 141 -10.22 5.79 37.46
CA TYR B 141 -10.59 4.55 38.12
C TYR B 141 -10.14 4.39 39.61
N GLY B 142 -9.03 5.00 40.03
CA GLY B 142 -8.53 4.73 41.40
C GLY B 142 -7.64 3.47 41.45
N LYS B 143 -8.28 2.32 41.35
CA LYS B 143 -7.59 1.04 41.22
C LYS B 143 -6.85 0.99 39.89
N PRO B 144 -5.71 0.25 39.82
CA PRO B 144 -4.93 0.13 38.56
C PRO B 144 -5.74 -0.45 37.41
N VAL B 145 -5.55 0.14 36.23
CA VAL B 145 -6.11 -0.39 35.01
C VAL B 145 -4.90 -0.72 34.12
N LEU B 146 -4.73 -2.00 33.84
CA LEU B 146 -3.63 -2.39 32.99
C LEU B 146 -4.21 -2.61 31.62
N VAL B 147 -3.63 -1.94 30.63
CA VAL B 147 -4.07 -2.24 29.28
C VAL B 147 -2.99 -3.03 28.53
N TRP B 148 -3.39 -4.15 27.92
CA TRP B 148 -2.45 -4.90 27.10
C TRP B 148 -2.70 -4.43 25.67
N GLY B 149 -1.90 -3.43 25.27
CA GLY B 149 -2.11 -2.77 23.98
C GLY B 149 -1.21 -3.38 22.91
N ASP B 150 -1.34 -4.69 22.72
CA ASP B 150 -0.54 -5.40 21.72
C ASP B 150 -1.23 -5.22 20.40
N GLY B 151 -0.51 -5.34 19.31
CA GLY B 151 -1.12 -5.14 18.00
C GLY B 151 -1.67 -3.72 17.84
N ILE B 152 -2.79 -3.63 17.13
CA ILE B 152 -3.40 -2.36 16.74
C ILE B 152 -4.17 -1.60 17.87
N VAL B 153 -3.85 -0.32 18.05
CA VAL B 153 -4.55 0.48 19.03
C VAL B 153 -4.83 1.82 18.42
N MSE B 154 -6.06 2.00 17.96
CA MSE B 154 -6.41 3.19 17.16
C MSE B 154 -7.80 3.77 17.48
O MSE B 154 -8.68 3.03 17.86
CB MSE B 154 -6.28 2.86 15.66
CG MSE B 154 -4.83 2.54 15.24
SE MSE B 154 -4.75 2.29 13.33
CE MSE B 154 -2.95 2.86 12.93
N GLY B 155 -7.97 5.08 17.28
CA GLY B 155 -9.28 5.71 17.42
C GLY B 155 -9.89 5.51 18.80
N GLY B 156 -11.14 5.09 18.84
CA GLY B 156 -11.78 4.76 20.09
C GLY B 156 -10.97 3.80 20.94
N GLY B 157 -10.20 2.91 20.31
CA GLY B 157 -9.32 1.95 20.99
C GLY B 157 -8.21 2.68 21.77
N LEU B 158 -7.64 3.71 21.17
CA LEU B 158 -6.68 4.57 21.88
C LEU B 158 -7.34 5.30 23.06
N GLY B 159 -8.63 5.61 22.88
CA GLY B 159 -9.51 6.19 23.89
C GLY B 159 -9.59 5.41 25.18
N LEU B 160 -9.94 4.12 25.11
CA LEU B 160 -9.81 3.17 26.24
C LEU B 160 -8.39 3.14 26.91
N MSE B 161 -7.36 3.14 26.08
CA MSE B 161 -6.03 2.91 26.58
C MSE B 161 -5.42 4.18 27.15
O MSE B 161 -4.78 4.09 28.21
CB MSE B 161 -5.11 2.27 25.53
CG MSE B 161 -3.64 2.30 25.97
SE MSE B 161 -2.33 1.22 24.98
CE MSE B 161 -1.46 2.57 23.93
N ALA B 162 -5.61 5.33 26.46
CA ALA B 162 -4.88 6.58 26.84
C ALA B 162 -5.05 7.00 28.30
N GLY B 163 -6.19 6.67 28.88
CA GLY B 163 -6.38 7.02 30.27
C GLY B 163 -5.97 6.02 31.36
N ALA B 164 -5.76 4.74 31.03
CA ALA B 164 -5.32 3.69 31.97
C ALA B 164 -3.97 3.99 32.62
N SER B 165 -3.78 3.46 33.82
CA SER B 165 -2.60 3.75 34.62
C SER B 165 -1.40 2.85 34.27
N HIS B 166 -1.67 1.66 33.74
CA HIS B 166 -0.59 0.76 33.29
C HIS B 166 -0.83 0.35 31.85
N LYS B 167 -0.26 1.16 30.96
CA LYS B 167 -0.40 1.00 29.51
C LYS B 167 0.79 0.19 28.93
N VAL B 168 0.52 -1.05 28.54
CA VAL B 168 1.58 -1.94 28.10
C VAL B 168 1.60 -2.01 26.57
N VAL B 169 2.74 -1.73 25.95
CA VAL B 169 2.90 -1.98 24.53
C VAL B 169 3.93 -3.09 24.24
N THR B 170 3.91 -3.60 23.02
CA THR B 170 4.76 -4.70 22.59
C THR B 170 5.40 -4.33 21.25
N GLU B 171 6.28 -5.19 20.75
CA GLU B 171 7.05 -4.90 19.54
C GLU B 171 6.11 -4.98 18.36
N THR B 172 4.86 -5.35 18.62
CA THR B 172 3.87 -5.31 17.55
C THR B 172 2.85 -4.18 17.63
N SER B 173 2.84 -3.41 18.73
CA SER B 173 1.90 -2.27 18.86
C SER B 173 1.97 -1.20 17.73
N ARG B 174 0.80 -0.77 17.26
CA ARG B 174 0.77 0.28 16.27
C ARG B 174 -0.39 1.14 16.67
N ILE B 175 -0.08 2.39 16.91
CA ILE B 175 -0.94 3.29 17.66
C ILE B 175 -1.13 4.57 16.89
N ALA B 176 -2.38 5.02 16.81
CA ALA B 176 -2.72 6.18 16.00
C ALA B 176 -4.09 6.78 16.30
N MSE B 177 -4.24 8.02 15.86
CA MSE B 177 -5.51 8.72 15.81
C MSE B 177 -5.83 8.94 14.29
O MSE B 177 -5.39 9.92 13.69
CB MSE B 177 -5.48 10.05 16.62
CG MSE B 177 -5.35 9.94 18.17
SE MSE B 177 -6.94 9.10 19.11
CE MSE B 177 -8.22 10.54 18.83
N PRO B 178 -6.56 7.99 13.67
CA PRO B 178 -6.86 8.13 12.22
C PRO B 178 -8.00 9.09 11.92
N GLU B 179 -8.47 9.87 12.90
CA GLU B 179 -9.70 10.67 12.75
C GLU B 179 -9.71 11.66 11.59
N VAL B 180 -8.65 12.45 11.45
CA VAL B 180 -8.64 13.41 10.35
C VAL B 180 -9.03 12.69 9.01
N THR B 181 -8.64 11.42 8.89
CA THR B 181 -8.79 10.68 7.65
C THR B 181 -10.26 10.49 7.24
N ILE B 182 -11.15 10.40 8.22
CA ILE B 182 -12.58 10.23 7.93
C ILE B 182 -13.40 11.47 8.25
N GLY B 183 -12.73 12.61 8.42
CA GLY B 183 -13.44 13.85 8.71
C GLY B 183 -14.10 13.89 10.08
N LEU B 184 -13.51 13.22 11.08
CA LEU B 184 -13.81 13.53 12.50
C LEU B 184 -12.68 14.41 13.08
N TYR B 185 -12.34 14.29 14.35
CA TYR B 185 -11.13 14.97 14.84
C TYR B 185 -10.60 14.08 15.96
N PRO B 186 -9.43 14.38 16.55
CA PRO B 186 -8.86 13.52 17.61
C PRO B 186 -9.58 13.61 18.94
N ASP B 187 -10.59 12.76 19.14
CA ASP B 187 -11.42 12.89 20.33
C ASP B 187 -11.01 11.93 21.46
N VAL B 188 -12.03 11.33 22.10
CA VAL B 188 -11.85 10.43 23.24
C VAL B 188 -10.73 10.90 24.16
N GLY B 189 -10.85 12.17 24.58
CA GLY B 189 -9.95 12.82 25.55
C GLY B 189 -8.66 13.33 24.94
N GLY B 190 -8.54 13.14 23.62
CA GLY B 190 -7.49 13.75 22.83
C GLY B 190 -7.34 15.24 23.18
N SER B 191 -8.46 15.93 23.41
CA SER B 191 -8.45 17.38 23.76
C SER B 191 -7.61 17.68 25.02
N TYR B 192 -7.52 16.69 25.90
CA TYR B 192 -6.69 16.68 27.10
C TYR B 192 -5.29 16.08 26.87
N PHE B 193 -5.19 14.85 26.37
CA PHE B 193 -3.83 14.27 26.33
C PHE B 193 -2.96 14.81 25.21
N LEU B 194 -3.52 15.25 24.07
CA LEU B 194 -2.65 15.65 22.94
C LEU B 194 -1.79 16.82 23.31
N ASN B 195 -2.40 17.84 23.91
CA ASN B 195 -1.70 19.04 24.37
C ASN B 195 -0.53 18.81 25.34
N ARG B 196 -0.70 17.84 26.24
CA ARG B 196 0.31 17.44 27.22
C ARG B 196 1.50 16.59 26.67
N MSE B 197 1.58 16.39 25.35
CA MSE B 197 2.74 15.72 24.80
C MSE B 197 3.83 16.73 24.48
O MSE B 197 3.56 17.93 24.36
CB MSE B 197 2.39 14.96 23.54
CG MSE B 197 1.55 13.76 23.79
SE MSE B 197 0.88 13.19 22.00
CE MSE B 197 -0.39 11.80 22.57
N PRO B 198 5.07 16.25 24.32
CA PRO B 198 6.18 17.20 24.21
C PRO B 198 6.00 18.06 22.96
N GLY B 199 6.31 19.34 23.11
CA GLY B 199 6.29 20.27 22.00
C GLY B 199 4.97 20.18 21.27
N LYS B 200 5.06 20.03 19.94
CA LYS B 200 3.87 19.99 19.11
C LYS B 200 3.51 18.55 18.63
N MSE B 201 3.95 17.52 19.34
CA MSE B 201 3.61 16.13 18.98
C MSE B 201 2.11 15.89 18.76
O MSE B 201 1.69 15.48 17.68
CB MSE B 201 4.19 15.13 20.01
CG MSE B 201 5.63 14.68 19.71
SE MSE B 201 5.85 13.98 17.87
CE MSE B 201 7.47 14.92 17.44
N GLY B 202 1.30 16.15 19.80
CA GLY B 202 -0.15 16.08 19.69
C GLY B 202 -0.72 16.61 18.38
N LEU B 203 -0.42 17.86 18.02
CA LEU B 203 -0.96 18.39 16.79
C LEU B 203 -0.47 17.60 15.54
N PHE B 204 0.80 17.23 15.50
CA PHE B 204 1.31 16.41 14.41
C PHE B 204 0.59 15.04 14.32
N LEU B 205 0.36 14.43 15.48
CA LEU B 205 -0.26 13.10 15.47
C LEU B 205 -1.72 13.19 15.02
N GLY B 206 -2.38 14.27 15.41
CA GLY B 206 -3.79 14.43 15.11
C GLY B 206 -4.03 14.85 13.68
N LEU B 207 -3.07 15.57 13.09
CA LEU B 207 -3.24 15.95 11.68
C LEU B 207 -2.74 14.84 10.72
N THR B 208 -1.78 14.00 11.14
CA THR B 208 -1.16 13.09 10.14
C THR B 208 -1.64 11.63 10.21
N ALA B 209 -2.41 11.33 11.27
CA ALA B 209 -2.70 9.93 11.65
C ALA B 209 -1.44 9.02 11.51
N TYR B 210 -0.29 9.58 11.88
CA TYR B 210 0.97 8.87 12.08
C TYR B 210 0.82 7.58 12.96
N HIS B 211 1.44 6.49 12.49
CA HIS B 211 1.45 5.20 13.19
C HIS B 211 2.64 5.06 14.15
N MSE B 212 2.35 5.20 15.43
CA MSE B 212 3.38 5.00 16.41
C MSE B 212 3.68 3.51 16.61
O MSE B 212 2.75 2.69 16.67
CB MSE B 212 2.94 5.62 17.73
CG MSE B 212 2.97 7.14 17.73
SE MSE B 212 1.92 7.79 19.22
CE MSE B 212 0.14 7.81 18.45
N ASN B 213 4.96 3.17 16.74
CA ASN B 213 5.34 1.88 17.33
C ASN B 213 5.48 2.06 18.83
N ALA B 214 5.91 1.02 19.52
CA ALA B 214 6.07 1.10 20.98
C ALA B 214 7.05 2.20 21.40
N ALA B 215 8.12 2.41 20.64
CA ALA B 215 9.14 3.33 21.14
C ALA B 215 8.56 4.72 21.09
N ASP B 216 7.73 4.96 20.07
CA ASP B 216 7.03 6.28 19.94
C ASP B 216 5.99 6.51 21.04
N ALA B 217 5.21 5.46 21.35
CA ALA B 217 4.14 5.58 22.35
C ALA B 217 4.73 5.86 23.75
N CYS B 218 5.78 5.13 24.12
CA CYS B 218 6.57 5.41 25.34
C CYS B 218 7.13 6.85 25.36
N TYR B 219 7.70 7.28 24.24
CA TYR B 219 8.20 8.64 24.13
C TYR B 219 7.16 9.72 24.46
N VAL B 220 5.99 9.66 23.80
CA VAL B 220 4.97 10.72 23.94
C VAL B 220 4.03 10.54 25.13
N GLY B 221 4.18 9.44 25.87
CA GLY B 221 3.43 9.21 27.10
C GLY B 221 2.10 8.47 26.92
N LEU B 222 1.95 7.77 25.78
CA LEU B 222 0.75 6.96 25.54
C LEU B 222 0.98 5.55 26.06
N ALA B 223 2.22 5.28 26.48
CA ALA B 223 2.61 3.96 27.00
C ALA B 223 3.59 4.09 28.16
N ASP B 224 3.32 3.30 29.23
CA ASP B 224 4.12 3.21 30.47
C ASP B 224 5.18 2.10 30.53
N HIS B 225 4.92 0.96 29.87
CA HIS B 225 5.84 -0.19 29.94
C HIS B 225 5.91 -0.88 28.58
N TYR B 226 6.97 -1.63 28.37
CA TYR B 226 7.13 -2.25 27.06
C TYR B 226 7.47 -3.68 27.30
N LEU B 227 6.65 -4.59 26.76
CA LEU B 227 6.95 -6.03 26.81
C LEU B 227 7.14 -6.62 25.38
N ASN B 228 7.09 -7.95 25.27
CA ASN B 228 7.03 -8.61 23.97
C ASN B 228 5.65 -9.26 23.95
N ARG B 229 5.17 -9.61 22.76
CA ARG B 229 3.84 -10.17 22.61
C ARG B 229 3.78 -11.47 23.37
N ASP B 230 4.81 -12.30 23.32
CA ASP B 230 4.73 -13.59 24.03
C ASP B 230 5.13 -13.63 25.53
N ASP B 231 5.28 -12.46 26.18
CA ASP B 231 5.35 -12.38 27.66
C ASP B 231 3.97 -12.35 28.29
N LYS B 232 2.90 -12.35 27.49
CA LYS B 232 1.56 -12.10 28.03
C LYS B 232 1.21 -13.05 29.18
N GLU B 233 1.50 -14.33 28.96
CA GLU B 233 1.39 -15.38 29.98
C GLU B 233 2.33 -15.15 31.18
N LEU B 234 3.61 -14.92 30.90
CA LEU B 234 4.52 -14.44 31.93
C LEU B 234 3.82 -13.37 32.85
N MSE B 235 3.33 -12.29 32.24
CA MSE B 235 2.81 -11.13 32.99
C MSE B 235 1.60 -11.57 33.77
O MSE B 235 1.44 -11.19 34.91
CB MSE B 235 2.42 -10.01 32.04
CG MSE B 235 2.10 -8.70 32.72
SE MSE B 235 1.15 -7.59 31.41
CE MSE B 235 -0.54 -8.59 31.27
N PHE B 236 0.76 -12.39 33.14
CA PHE B 236 -0.43 -12.91 33.84
C PHE B 236 -0.12 -13.80 35.03
N ASP B 237 0.85 -14.69 34.87
CA ASP B 237 1.36 -15.47 35.98
C ASP B 237 1.88 -14.56 37.09
N ALA B 238 2.69 -13.56 36.70
CA ALA B 238 3.26 -12.65 37.68
C ALA B 238 2.14 -11.91 38.46
N MSE B 239 1.03 -11.64 37.81
CA MSE B 239 -0.05 -11.00 38.52
C MSE B 239 -0.69 -11.93 39.53
O MSE B 239 -1.24 -11.46 40.57
CB MSE B 239 -1.07 -10.45 37.55
CG MSE B 239 -0.57 -9.16 36.85
SE MSE B 239 -1.90 -8.57 35.53
CE MSE B 239 -3.15 -7.55 36.65
N ALA B 240 -0.66 -13.23 39.22
CA ALA B 240 -1.20 -14.23 40.13
C ALA B 240 -0.41 -14.36 41.47
N THR B 241 0.84 -13.88 41.50
CA THR B 241 1.69 -13.94 42.70
C THR B 241 2.00 -12.56 43.32
N LEU B 242 1.52 -11.51 42.67
CA LEU B 242 1.79 -10.14 43.12
C LEU B 242 1.16 -9.92 44.49
N ASP B 243 1.83 -9.15 45.34
CA ASP B 243 1.31 -8.84 46.67
C ASP B 243 0.30 -7.65 46.67
N TRP B 244 -0.84 -7.90 46.04
CA TRP B 244 -2.01 -7.02 46.05
C TRP B 244 -2.55 -6.78 47.46
N SER B 245 -3.25 -5.66 47.65
CA SER B 245 -3.73 -5.33 48.99
C SER B 245 -4.89 -4.39 48.75
N ASP B 246 -5.40 -3.76 49.81
CA ASP B 246 -6.52 -2.84 49.67
C ASP B 246 -6.07 -1.37 49.47
N SER B 247 -4.77 -1.20 49.24
CA SER B 247 -4.24 0.12 48.86
C SER B 247 -3.97 0.23 47.38
N PRO B 248 -4.76 1.09 46.72
CA PRO B 248 -4.57 1.41 45.29
C PRO B 248 -3.18 1.88 45.02
N ALA B 249 -2.70 2.89 45.74
CA ALA B 249 -1.34 3.40 45.48
C ALA B 249 -0.25 2.32 45.54
N LEU B 250 -0.28 1.52 46.59
CA LEU B 250 0.64 0.40 46.75
C LEU B 250 0.42 -0.69 45.68
N ASN B 251 -0.84 -0.94 45.32
CA ASN B 251 -1.11 -1.78 44.14
C ASN B 251 -0.52 -1.16 42.83
N HIS B 252 -0.65 0.17 42.64
CA HIS B 252 0.02 0.84 41.51
C HIS B 252 1.53 0.61 41.51
N GLN B 253 2.16 0.87 42.66
CA GLN B 253 3.61 0.68 42.79
C GLN B 253 4.12 -0.75 42.51
N ARG B 254 3.50 -1.74 43.17
CA ARG B 254 3.87 -3.17 42.98
C ARG B 254 3.61 -3.68 41.56
N LEU B 255 2.56 -3.18 40.89
CA LEU B 255 2.32 -3.58 39.52
C LEU B 255 3.43 -3.01 38.64
N ASP B 256 3.74 -1.73 38.81
CA ASP B 256 4.78 -1.13 37.99
C ASP B 256 6.09 -1.86 38.21
N THR B 257 6.39 -2.16 39.48
CA THR B 257 7.65 -2.81 39.80
C THR B 257 7.75 -4.14 39.07
N MSE B 258 6.63 -4.86 39.08
N MSE B 258 6.67 -4.91 39.07
CA MSE B 258 6.48 -6.18 38.49
CA MSE B 258 6.72 -6.21 38.40
C MSE B 258 6.67 -6.19 36.95
C MSE B 258 6.88 -6.08 36.88
O MSE B 258 7.33 -7.08 36.41
O MSE B 258 7.68 -6.79 36.28
CB MSE B 258 5.10 -6.72 38.87
CB MSE B 258 5.48 -7.06 38.70
CG MSE B 258 4.74 -8.12 38.40
CG MSE B 258 5.48 -8.39 38.00
SE MSE B 258 2.76 -8.43 38.28
SE MSE B 258 4.76 -8.54 36.14
CE MSE B 258 2.61 -8.41 36.31
CE MSE B 258 2.90 -8.06 36.32
N ILE B 259 6.10 -5.21 36.27
CA ILE B 259 6.21 -5.16 34.82
C ILE B 259 7.64 -4.76 34.42
N ASN B 260 8.26 -3.82 35.17
CA ASN B 260 9.65 -3.35 34.92
C ASN B 260 10.72 -4.46 34.97
N GLU B 261 10.55 -5.45 35.85
CA GLU B 261 11.48 -6.58 35.97
C GLU B 261 11.31 -7.47 34.75
N LEU B 262 10.06 -7.77 34.37
CA LEU B 262 9.84 -8.52 33.14
C LEU B 262 10.45 -7.71 32.01
N SER B 263 10.08 -6.44 31.98
CA SER B 263 10.46 -5.51 30.93
C SER B 263 11.95 -5.61 30.65
N ASN B 264 12.71 -5.91 31.69
CA ASN B 264 14.14 -6.13 31.51
C ASN B 264 14.40 -7.33 30.58
N GLN B 265 13.55 -8.35 30.69
CA GLN B 265 13.71 -9.63 29.99
C GLN B 265 13.46 -9.66 28.47
N VAL B 266 12.76 -8.67 27.92
CA VAL B 266 12.26 -8.75 26.54
C VAL B 266 13.29 -9.34 25.58
N ASP B 267 12.83 -10.13 24.62
CA ASP B 267 13.77 -10.72 23.67
C ASP B 267 13.90 -9.83 22.43
N ILE B 268 12.81 -9.14 22.07
CA ILE B 268 12.84 -8.12 21.02
C ILE B 268 12.92 -6.71 21.66
N PRO B 269 14.06 -6.04 21.47
CA PRO B 269 14.27 -4.73 22.09
C PRO B 269 13.26 -3.69 21.57
N LYS B 270 12.99 -2.61 22.32
CA LYS B 270 12.04 -1.58 21.89
C LYS B 270 12.63 -0.71 20.78
N GLY B 271 13.95 -0.55 20.81
CA GLY B 271 14.61 0.23 19.78
C GLY B 271 14.34 1.71 19.97
N ASP B 272 14.46 2.45 18.88
CA ASP B 272 14.46 3.90 18.98
C ASP B 272 13.11 4.50 18.57
N SER B 273 12.89 5.73 19.03
CA SER B 273 11.70 6.53 18.70
C SER B 273 11.95 7.46 17.52
N VAL B 274 11.41 7.14 16.34
CA VAL B 274 11.49 8.03 15.19
C VAL B 274 10.91 9.45 15.48
N LEU B 275 9.92 9.54 16.38
CA LEU B 275 9.40 10.83 16.85
C LEU B 275 10.32 11.57 17.85
N ALA B 276 10.87 10.87 18.84
CA ALA B 276 11.79 11.55 19.75
C ALA B 276 12.95 12.08 18.92
N GLU B 277 13.38 11.33 17.94
CA GLU B 277 14.52 11.78 17.19
C GLU B 277 14.15 12.75 16.06
N SER B 278 12.87 13.12 15.97
CA SER B 278 12.46 14.22 15.06
C SER B 278 11.70 15.37 15.75
N GLN B 279 11.84 15.49 17.09
CA GLN B 279 11.06 16.44 17.89
C GLN B 279 11.16 17.90 17.36
N GLU B 280 12.37 18.44 17.32
CA GLU B 280 12.57 19.81 16.82
C GLU B 280 12.14 20.06 15.38
N MSE B 281 12.35 19.07 14.52
CA MSE B 281 11.87 19.22 13.16
C MSE B 281 10.34 19.24 13.16
O MSE B 281 9.73 20.04 12.43
CB MSE B 281 12.38 18.09 12.25
CG MSE B 281 11.64 18.03 10.94
SE MSE B 281 12.21 16.61 9.76
CE MSE B 281 12.11 15.06 10.94
N ILE B 282 9.72 18.38 13.97
CA ILE B 282 8.26 18.33 13.99
C ILE B 282 7.68 19.62 14.57
N ASP B 283 8.27 20.11 15.65
CA ASP B 283 7.98 21.45 16.19
C ASP B 283 8.07 22.54 15.12
N ARG B 284 9.16 22.63 14.36
CA ARG B 284 9.16 23.59 13.22
C ARG B 284 7.98 23.41 12.22
N LEU B 285 7.69 22.17 11.85
CA LEU B 285 6.65 21.97 10.86
C LEU B 285 5.29 22.44 11.37
N MSE B 286 5.11 22.33 12.69
CA MSE B 286 3.84 22.64 13.37
C MSE B 286 3.83 24.06 13.96
O MSE B 286 3.01 24.37 14.85
CB MSE B 286 3.59 21.63 14.50
CG MSE B 286 3.52 20.12 14.05
SE MSE B 286 1.99 19.73 12.91
CE MSE B 286 3.02 19.73 11.23
N ALA B 287 4.75 24.90 13.51
CA ALA B 287 4.83 26.25 14.08
C ALA B 287 3.88 27.18 13.34
N GLY B 288 3.36 28.20 14.03
CA GLY B 288 2.62 29.27 13.35
C GLY B 288 1.16 28.94 13.18
N SER B 289 0.54 29.58 12.19
CA SER B 289 -0.87 29.44 11.93
C SER B 289 -1.19 28.14 11.20
N LEU B 290 -2.46 27.76 11.13
CA LEU B 290 -2.78 26.53 10.41
C LEU B 290 -2.40 26.63 8.95
N THR B 291 -2.45 27.83 8.38
CA THR B 291 -2.06 27.95 6.96
C THR B 291 -0.53 27.87 6.83
N ASP B 292 0.21 28.43 7.75
CA ASP B 292 1.66 28.27 7.66
C ASP B 292 1.99 26.76 7.61
N ILE B 293 1.35 26.02 8.52
CA ILE B 293 1.47 24.55 8.61
C ILE B 293 1.09 23.83 7.32
N VAL B 294 -0.13 24.01 6.83
CA VAL B 294 -0.54 23.26 5.67
C VAL B 294 0.36 23.66 4.57
N THR B 295 0.61 24.96 4.44
CA THR B 295 1.49 25.44 3.36
C THR B 295 2.85 24.74 3.49
N ARG B 296 3.44 24.81 4.68
CA ARG B 296 4.71 24.13 4.94
C ARG B 296 4.72 22.60 4.55
N MSE B 297 3.81 21.83 5.14
CA MSE B 297 3.57 20.40 4.78
C MSE B 297 3.39 20.07 3.28
O MSE B 297 3.92 19.06 2.80
CB MSE B 297 2.38 19.82 5.57
CG MSE B 297 2.53 19.86 7.08
SE MSE B 297 4.05 18.84 7.70
CE MSE B 297 3.14 17.11 7.98
N SER B 298 2.63 20.89 2.54
CA SER B 298 2.32 20.58 1.14
C SER B 298 3.49 20.94 0.22
N THR B 299 4.49 21.57 0.84
CA THR B 299 5.62 22.14 0.16
C THR B 299 6.84 21.27 0.30
N LEU B 300 7.06 20.79 1.53
CA LEU B 300 8.30 20.13 1.89
C LEU B 300 8.61 18.93 0.98
N SER B 301 9.86 18.50 1.01
CA SER B 301 10.27 17.25 0.37
C SER B 301 11.26 16.63 1.33
N THR B 302 11.35 15.30 1.32
CA THR B 302 12.01 14.54 2.37
C THR B 302 12.29 13.16 1.84
N ASP B 303 13.39 12.57 2.29
CA ASP B 303 13.72 11.18 1.98
C ASP B 303 13.21 10.26 3.10
N GLU B 304 12.35 10.86 3.94
CA GLU B 304 11.66 10.15 5.03
C GLU B 304 10.30 9.59 4.57
N ALA B 305 10.24 8.30 4.35
CA ALA B 305 8.98 7.71 3.93
C ALA B 305 7.89 8.05 4.96
N TRP B 306 8.23 7.92 6.25
CA TRP B 306 7.28 8.23 7.31
C TRP B 306 6.75 9.68 7.22
N LEU B 307 7.62 10.64 6.91
CA LEU B 307 7.17 12.05 6.86
C LEU B 307 6.48 12.36 5.51
N SER B 308 6.94 11.70 4.44
CA SER B 308 6.23 11.70 3.17
C SER B 308 4.79 11.17 3.34
N LYS B 309 4.66 10.03 4.01
CA LYS B 309 3.34 9.43 4.27
C LYS B 309 2.42 10.31 5.15
N ALA B 310 2.99 10.83 6.24
CA ALA B 310 2.30 11.78 7.13
C ALA B 310 1.76 13.07 6.45
N CYS B 311 2.55 13.71 5.58
CA CYS B 311 2.09 14.80 4.70
C CYS B 311 0.94 14.42 3.77
N ALA B 312 1.12 13.31 3.07
CA ALA B 312 0.11 12.74 2.22
C ALA B 312 -1.16 12.39 3.00
N THR B 313 -1.06 11.65 4.10
CA THR B 313 -2.27 11.32 4.90
C THR B 313 -2.98 12.62 5.34
N MSE B 314 -2.23 13.51 5.95
CA MSE B 314 -2.79 14.81 6.30
C MSE B 314 -3.53 15.49 5.16
O MSE B 314 -4.72 15.83 5.26
CB MSE B 314 -1.68 15.76 6.77
CG MSE B 314 -2.23 17.12 7.14
SE MSE B 314 -0.95 18.43 7.84
CE MSE B 314 -2.03 19.98 7.43
N LEU B 315 -2.80 15.74 4.07
CA LEU B 315 -3.28 16.59 2.99
C LEU B 315 -4.53 16.02 2.28
N ALA B 316 -4.72 14.70 2.35
CA ALA B 316 -5.92 14.14 1.77
C ALA B 316 -7.07 14.13 2.79
N GLY B 317 -6.77 14.47 4.05
CA GLY B 317 -7.80 14.48 5.07
C GLY B 317 -8.74 15.68 4.97
N SER B 318 -9.69 15.78 5.91
CA SER B 318 -10.70 16.87 5.90
C SER B 318 -10.26 18.25 6.42
N PRO B 319 -10.29 19.28 5.57
CA PRO B 319 -9.86 20.61 6.06
C PRO B 319 -10.57 21.00 7.31
N ILE B 320 -11.84 20.63 7.45
CA ILE B 320 -12.56 20.98 8.66
C ILE B 320 -11.93 20.28 9.86
N SER B 321 -11.50 19.05 9.67
CA SER B 321 -10.83 18.33 10.77
C SER B 321 -9.47 18.96 11.14
N TRP B 322 -8.76 19.49 10.14
CA TRP B 322 -7.47 20.19 10.38
C TRP B 322 -7.70 21.37 11.32
N HIS B 323 -8.71 22.16 10.99
CA HIS B 323 -9.10 23.28 11.85
C HIS B 323 -9.39 22.77 13.27
N LEU B 324 -10.23 21.74 13.39
CA LEU B 324 -10.57 21.19 14.72
C LEU B 324 -9.33 20.73 15.53
N ALA B 325 -8.41 20.02 14.89
CA ALA B 325 -7.11 19.68 15.50
C ALA B 325 -6.23 20.92 15.91
N TYR B 326 -6.13 21.92 15.01
CA TYR B 326 -5.53 23.21 15.39
C TYR B 326 -6.14 23.82 16.66
N ILE B 327 -7.47 23.94 16.68
CA ILE B 327 -8.21 24.56 17.77
C ILE B 327 -7.99 23.86 19.10
N GLN B 328 -7.90 22.52 19.05
CA GLN B 328 -7.56 21.73 20.24
C GLN B 328 -6.30 22.24 20.91
N THR B 329 -5.28 22.50 20.08
CA THR B 329 -4.03 23.08 20.55
C THR B 329 -4.25 24.43 21.28
N GLN B 330 -5.21 25.23 20.82
CA GLN B 330 -5.49 26.52 21.43
C GLN B 330 -6.31 26.40 22.72
N LEU B 331 -6.80 25.20 23.03
CA LEU B 331 -7.48 25.04 24.29
C LEU B 331 -6.49 25.14 25.46
N GLY B 332 -5.18 24.93 25.19
CA GLY B 332 -4.19 24.82 26.25
C GLY B 332 -4.38 23.67 27.25
N THR B 333 -3.97 23.89 28.51
CA THR B 333 -3.95 22.82 29.54
C THR B 333 -4.69 23.16 30.86
N LYS B 334 -5.54 24.20 30.79
CA LYS B 334 -6.35 24.78 31.87
C LYS B 334 -7.57 23.93 32.24
N LEU B 335 -8.20 23.35 31.22
CA LEU B 335 -9.39 22.52 31.41
C LEU B 335 -9.11 21.15 32.12
N SER B 336 -9.98 20.75 33.02
CA SER B 336 -9.92 19.40 33.57
C SER B 336 -10.30 18.44 32.45
N LEU B 337 -10.10 17.15 32.71
CA LEU B 337 -10.46 16.10 31.77
C LEU B 337 -11.95 16.16 31.44
N ALA B 338 -12.79 16.22 32.49
CA ALA B 338 -14.25 16.32 32.39
C ALA B 338 -14.66 17.48 31.45
N GLN B 339 -13.96 18.58 31.60
CA GLN B 339 -14.15 19.68 30.69
C GLN B 339 -13.77 19.34 29.24
N CYS B 340 -12.71 18.60 29.03
CA CYS B 340 -12.35 18.23 27.66
C CYS B 340 -13.41 17.33 27.05
N PHE B 341 -13.94 16.40 27.84
CA PHE B 341 -14.99 15.50 27.30
C PHE B 341 -16.27 16.27 26.98
N LYS B 342 -16.55 17.27 27.79
CA LYS B 342 -17.77 18.00 27.63
C LYS B 342 -17.72 18.78 26.30
N TRP B 343 -16.55 19.33 26.00
CA TRP B 343 -16.34 20.08 24.77
C TRP B 343 -16.36 19.13 23.54
N GLU B 344 -15.75 17.95 23.70
CA GLU B 344 -15.72 16.93 22.65
C GLU B 344 -17.11 16.42 22.32
N LEU B 345 -17.99 16.27 23.30
CA LEU B 345 -19.35 15.80 22.97
C LEU B 345 -20.07 16.79 21.99
N THR B 346 -19.97 18.08 22.32
CA THR B 346 -20.51 19.14 21.50
C THR B 346 -19.89 19.10 20.11
N VAL B 347 -18.56 19.12 20.10
CA VAL B 347 -17.79 19.07 18.82
C VAL B 347 -18.08 17.79 17.99
N SER B 348 -18.07 16.63 18.65
CA SER B 348 -18.34 15.35 17.97
C SER B 348 -19.72 15.32 17.41
N VAL B 349 -20.69 15.67 18.24
CA VAL B 349 -22.07 15.61 17.81
C VAL B 349 -22.28 16.52 16.57
N ASN B 350 -21.59 17.67 16.59
CA ASN B 350 -21.69 18.70 15.53
C ASN B 350 -21.00 18.36 14.22
N VAL B 351 -19.78 17.81 14.28
CA VAL B 351 -19.07 17.36 13.06
C VAL B 351 -19.77 16.22 12.33
N CYS B 352 -20.49 15.41 13.11
CA CYS B 352 -21.32 14.36 12.54
C CYS B 352 -22.48 14.91 11.70
N ALA B 353 -23.08 16.00 12.18
CA ALA B 353 -24.18 16.66 11.48
C ALA B 353 -23.68 17.53 10.31
N LYS B 354 -22.66 18.36 10.59
CA LYS B 354 -22.26 19.49 9.73
C LYS B 354 -20.84 19.48 9.20
N GLY B 355 -19.97 18.60 9.72
CA GLY B 355 -18.59 18.48 9.26
C GLY B 355 -18.44 17.46 8.12
N ASP B 356 -17.22 16.96 7.85
CA ASP B 356 -16.98 15.99 6.77
C ASP B 356 -17.12 14.49 7.15
N PHE B 357 -17.58 14.23 8.37
CA PHE B 357 -17.64 12.91 8.95
C PHE B 357 -18.36 11.96 8.01
N CYS B 358 -19.61 12.26 7.66
CA CYS B 358 -20.38 11.37 6.79
C CYS B 358 -19.63 11.02 5.50
N GLU B 359 -19.14 12.06 4.86
CA GLU B 359 -18.46 11.88 3.60
C GLU B 359 -17.20 11.07 3.82
N GLY B 360 -16.57 11.28 4.98
CA GLY B 360 -15.35 10.56 5.30
C GLY B 360 -15.51 9.06 5.47
N VAL B 361 -16.58 8.65 6.18
CA VAL B 361 -16.98 7.24 6.42
C VAL B 361 -17.46 6.56 5.10
N ARG B 362 -18.13 7.34 4.24
CA ARG B 362 -18.65 6.80 2.99
C ARG B 362 -17.50 6.37 2.08
N ALA B 363 -16.49 7.25 1.95
CA ALA B 363 -15.31 7.00 1.11
C ALA B 363 -14.38 5.90 1.64
N LEU B 364 -14.12 5.87 2.95
CA LEU B 364 -13.24 4.86 3.53
C LEU B 364 -13.92 3.53 3.73
N LEU B 365 -15.05 3.55 4.46
CA LEU B 365 -15.73 2.36 5.01
C LEU B 365 -16.96 1.89 4.25
N ILE B 366 -17.74 2.80 3.73
CA ILE B 366 -19.01 2.41 3.14
C ILE B 366 -18.84 2.09 1.64
N ASP B 367 -18.55 3.10 0.84
CA ASP B 367 -18.29 2.92 -0.59
C ASP B 367 -16.84 2.41 -0.86
N LYS B 368 -15.91 2.72 0.05
CA LYS B 368 -14.53 2.26 -0.07
C LYS B 368 -13.73 2.78 -1.30
N ASP B 369 -14.27 3.76 -2.01
CA ASP B 369 -13.49 4.38 -3.08
C ASP B 369 -12.21 5.10 -2.55
N LYS B 370 -12.20 5.50 -1.25
CA LYS B 370 -11.14 6.31 -0.67
C LYS B 370 -10.93 7.53 -1.52
N GLN B 371 -12.04 8.06 -2.00
CA GLN B 371 -12.07 9.29 -2.78
C GLN B 371 -13.01 10.22 -2.00
N PRO B 372 -12.61 10.62 -0.77
CA PRO B 372 -13.38 11.66 -0.08
C PRO B 372 -13.58 12.90 -0.99
N LYS B 373 -14.83 13.37 -1.15
CA LYS B 373 -15.06 14.72 -1.71
C LYS B 373 -15.52 15.76 -0.63
N TRP B 374 -14.57 16.50 -0.06
CA TRP B 374 -14.89 17.28 1.12
C TRP B 374 -15.78 18.46 0.80
N GLN B 375 -16.49 18.91 1.82
CA GLN B 375 -17.38 20.05 1.74
C GLN B 375 -16.55 21.28 1.32
N PHE B 376 -15.32 21.39 1.80
CA PHE B 376 -14.47 22.57 1.52
C PHE B 376 -13.12 22.17 0.99
N ALA B 377 -12.68 22.90 -0.02
CA ALA B 377 -11.49 22.54 -0.77
C ALA B 377 -10.17 22.57 0.04
N ASP B 378 -10.02 23.58 0.88
CA ASP B 378 -8.73 23.82 1.53
C ASP B 378 -8.91 24.54 2.86
N VAL B 379 -7.79 24.93 3.45
CA VAL B 379 -7.79 25.58 4.78
C VAL B 379 -8.64 26.84 4.85
N GLN B 380 -8.37 27.76 3.93
CA GLN B 380 -8.97 29.10 3.99
C GLN B 380 -10.46 29.13 3.62
N SER B 381 -10.89 28.06 2.92
CA SER B 381 -12.23 28.01 2.37
C SER B 381 -13.28 27.58 3.39
N VAL B 382 -12.81 26.93 4.46
CA VAL B 382 -13.62 26.61 5.62
C VAL B 382 -13.99 27.94 6.33
N PRO B 383 -15.30 28.33 6.28
CA PRO B 383 -15.71 29.59 6.93
C PRO B 383 -15.60 29.52 8.47
N ASN B 384 -15.14 30.60 9.12
CA ASN B 384 -15.14 30.65 10.59
C ASN B 384 -16.53 30.40 11.16
N SER B 385 -17.56 30.80 10.42
CA SER B 385 -18.96 30.59 10.80
C SER B 385 -19.41 29.12 10.97
N VAL B 386 -18.90 28.21 10.13
CA VAL B 386 -19.26 26.81 10.26
C VAL B 386 -18.53 26.20 11.48
N ILE B 387 -17.24 26.51 11.61
CA ILE B 387 -16.48 26.04 12.76
C ILE B 387 -17.07 26.51 14.08
N GLU B 388 -17.60 27.73 14.11
CA GLU B 388 -18.09 28.33 15.36
C GLU B 388 -19.37 27.63 15.76
N ASP B 389 -20.20 27.40 14.75
CA ASP B 389 -21.39 26.58 14.93
C ASP B 389 -21.06 25.20 15.50
N ILE B 390 -19.99 24.61 14.98
CA ILE B 390 -19.59 23.29 15.44
C ILE B 390 -19.08 23.38 16.88
N LEU B 391 -18.54 24.56 17.28
CA LEU B 391 -17.99 24.76 18.63
C LEU B 391 -19.10 25.07 19.62
N THR B 392 -20.31 25.23 19.07
CA THR B 392 -21.44 25.73 19.85
C THR B 392 -22.38 24.57 20.20
N SER B 393 -22.63 24.39 21.50
CA SER B 393 -23.49 23.29 21.97
C SER B 393 -24.92 23.31 21.39
N PRO B 394 -25.36 22.18 20.85
CA PRO B 394 -26.67 22.15 20.18
C PRO B 394 -27.86 22.19 21.18
N TRP B 395 -27.53 22.05 22.46
CA TRP B 395 -28.54 22.03 23.51
C TRP B 395 -28.45 23.37 24.28
N GLY B 396 -29.48 23.67 25.07
CA GLY B 396 -29.51 24.92 25.82
C GLY B 396 -28.32 25.05 26.76
C ACY C . -13.90 -11.80 -14.91
O ACY C . -14.40 -10.71 -15.26
OXT ACY C . -14.37 -12.68 -14.16
CH3 ACY C . -12.55 -12.04 -15.50
C FMT D . -17.39 -9.60 -12.54
O1 FMT D . -17.69 -10.53 -13.30
O2 FMT D . -18.01 -8.54 -12.43
C FMT E . 4.62 -0.82 -31.45
O1 FMT E . 4.56 -0.74 -30.21
O2 FMT E . 3.73 -1.21 -32.24
C1 GOL F . -1.80 -7.96 6.60
O1 GOL F . -1.39 -8.26 5.29
C2 GOL F . -2.72 -6.73 6.50
O2 GOL F . -1.89 -5.60 6.47
C3 GOL F . -3.72 -6.68 7.67
O3 GOL F . -4.88 -5.91 7.32
C FMT G . 15.45 16.77 15.19
O1 FMT G . 15.52 16.55 16.40
O2 FMT G . 14.40 16.92 14.55
C ACY H . -3.90 4.75 49.28
O ACY H . -3.68 5.81 49.88
OXT ACY H . -3.83 4.58 48.01
CH3 ACY H . -4.27 3.64 50.23
C FMT I . -19.06 3.62 20.57
O1 FMT I . -19.82 4.13 21.39
O2 FMT I . -18.11 4.20 20.01
C FMT J . 8.54 29.93 9.69
O1 FMT J . 7.87 29.63 8.69
O2 FMT J . 8.40 29.42 10.81
#